data_6AU9
#
_entry.id   6AU9
#
_cell.length_a   78.071
_cell.length_b   78.071
_cell.length_c   223.463
_cell.angle_alpha   90.00
_cell.angle_beta   90.00
_cell.angle_gamma   90.00
#
_symmetry.space_group_name_H-M   'P 43 21 2'
#
loop_
_entity.id
_entity.type
_entity.pdbx_description
1 polymer 'Malate synthase G'
2 non-polymer 'MAGNESIUM ION'
3 non-polymer '(2Z)-4-(2,3-dihydro-1,4-benzodioxin-6-yl)-2-hydroxy-4-oxobut-2-enoic acid'
4 non-polymer DI(HYDROXYETHYL)ETHER
5 water water
#
_entity_poly.entity_id   1
_entity_poly.type   'polypeptide(L)'
_entity_poly.pdbx_seq_one_letter_code
;MTDRVSVGNLRIARVLYDFVNNEALPGTDIDPDSFWAGVDKVVADLTPQNQALLNARDELQAQIDKWHRRRVIEPIDMDA
YRQFLTEIGYLLPEPDDFTITTSGVDAEITTTAGPQLVVPVLNARFALNAANARWGSLYDALYGTDVIPETDGAEKGPTY
NKVRGDKVIAYARKFLDDSVPLSSGSFGDATGFTVQDGQLVVALPDKSTGLANPGQFAGYTGAAESPTSVLLINHGLHIE
ILIDPESQVGTTDRAGVKDVILESAITTIMDFEDSVAAVDAADKVLGYRNWLGLNKGDLAAAVDKDGTAFLRVLNRDRNY
TAPGGGQFTLPGRSLMFVRNVGHLMTNDAIVDTDGSEVFEGIMDALFTGLIAIHGLKASDVNGPLINSRTGSIYIVKPKM
HGPAEVAFTCELFSRVEDVLGLPQNTMKIGIMDEERRTTVNLKACIKAAADRVVFINTGFLDRTGDEIHTSMEAGPMVRK
GTMKSQPWILAYEDHNVDAGLAAGFSGRAQVGKGMWTMTELMADMVETKIAQPRAGASTAWVPSPTAATLHALHYHQVDV
AAVQQGLAGKRRATIEQLLTIPLAKELAWAPDEIREEVDNNCQSILGYVVRWVDQGVGASKVPDIHDVALMEDRATLRIS
SQLLANWLRHGVITSADVRASLERMAPLVDRQNAGDVAYRPMAPNFDDSIAFLAAQELILSGAQQPNGYTEPILHRRRRE
FKARAAEKPAPSDRAGDDAAR
;
_entity_poly.pdbx_strand_id   A
#
# COMPACT_ATOMS: atom_id res chain seq x y z
N THR A 2 -1.32 -26.92 27.88
CA THR A 2 -1.28 -25.74 27.02
C THR A 2 0.16 -25.45 26.57
N ASP A 3 0.31 -25.21 25.27
CA ASP A 3 1.61 -24.99 24.64
C ASP A 3 1.98 -23.51 24.66
N ARG A 4 2.04 -22.98 25.87
CA ARG A 4 2.31 -21.56 26.07
C ARG A 4 3.45 -21.39 27.07
N VAL A 5 4.09 -20.24 27.00
CA VAL A 5 5.18 -19.87 27.88
C VAL A 5 4.69 -18.74 28.77
N SER A 6 4.91 -18.87 30.08
CA SER A 6 4.50 -17.86 31.04
C SER A 6 5.59 -16.80 31.17
N VAL A 7 5.24 -15.55 30.93
CA VAL A 7 6.10 -14.40 31.20
C VAL A 7 5.21 -13.36 31.87
N GLY A 8 5.37 -13.21 33.19
CA GLY A 8 4.53 -12.25 33.89
C GLY A 8 3.07 -12.63 33.77
N ASN A 9 2.25 -11.68 33.33
CA ASN A 9 0.84 -11.93 33.14
C ASN A 9 0.51 -12.56 31.80
N LEU A 10 1.51 -12.86 30.97
CA LEU A 10 1.26 -13.27 29.61
C LEU A 10 1.53 -14.76 29.43
N ARG A 11 0.77 -15.36 28.50
CA ARG A 11 0.97 -16.74 28.11
C ARG A 11 1.19 -16.75 26.59
N ILE A 12 2.44 -16.91 26.20
CA ILE A 12 2.89 -16.72 24.83
C ILE A 12 2.88 -18.06 24.09
N ALA A 13 2.26 -18.10 22.92
CA ALA A 13 2.29 -19.31 22.11
C ALA A 13 3.73 -19.77 21.91
N ARG A 14 3.96 -21.07 22.09
CA ARG A 14 5.34 -21.57 22.08
C ARG A 14 6.01 -21.30 20.74
N VAL A 15 5.26 -21.41 19.64
CA VAL A 15 5.86 -21.20 18.32
C VAL A 15 6.41 -19.78 18.20
N LEU A 16 5.68 -18.81 18.78
CA LEU A 16 6.15 -17.42 18.76
C LEU A 16 7.33 -17.22 19.72
N TYR A 17 7.24 -17.78 20.93
CA TYR A 17 8.35 -17.68 21.88
C TYR A 17 9.64 -18.22 21.28
N ASP A 18 9.58 -19.43 20.70
CA ASP A 18 10.76 -20.02 20.07
C ASP A 18 11.27 -19.18 18.91
N PHE A 19 10.37 -18.73 18.03
CA PHE A 19 10.81 -17.93 16.89
C PHE A 19 11.59 -16.71 17.37
N VAL A 20 11.05 -16.00 18.37
CA VAL A 20 11.73 -14.80 18.83
C VAL A 20 13.11 -15.15 19.42
N ASN A 21 13.16 -16.18 20.27
CA ASN A 21 14.41 -16.51 20.94
C ASN A 21 15.47 -17.02 19.97
N ASN A 22 15.06 -17.90 19.05
CA ASN A 22 16.01 -18.60 18.21
C ASN A 22 16.34 -17.87 16.93
N GLU A 23 15.49 -16.93 16.50
CA GLU A 23 15.65 -16.30 15.20
C GLU A 23 15.71 -14.80 15.30
N ALA A 24 14.79 -14.20 16.04
CA ALA A 24 14.70 -12.74 16.05
C ALA A 24 15.74 -12.10 16.96
N LEU A 25 15.95 -12.66 18.15
CA LEU A 25 16.82 -12.00 19.14
C LEU A 25 18.32 -12.12 18.82
N PRO A 26 18.83 -13.28 18.41
CA PRO A 26 20.27 -13.40 18.16
C PRO A 26 20.76 -12.39 17.14
N GLY A 27 21.75 -11.60 17.55
CA GLY A 27 22.34 -10.59 16.69
C GLY A 27 21.94 -9.19 17.01
N THR A 28 20.99 -8.99 17.92
CA THR A 28 20.51 -7.67 18.27
C THR A 28 21.16 -7.11 19.52
N ASP A 29 21.83 -7.96 20.30
CA ASP A 29 22.42 -7.63 21.59
C ASP A 29 21.39 -7.31 22.65
N ILE A 30 20.13 -7.71 22.46
CA ILE A 30 19.08 -7.52 23.46
C ILE A 30 18.98 -8.77 24.31
N ASP A 31 19.03 -8.60 25.62
CA ASP A 31 18.95 -9.74 26.53
C ASP A 31 17.57 -10.38 26.42
N PRO A 32 17.48 -11.68 26.10
CA PRO A 32 16.15 -12.29 25.96
C PRO A 32 15.23 -12.07 27.14
N ASP A 33 15.72 -12.24 28.37
CA ASP A 33 14.83 -12.07 29.51
C ASP A 33 14.35 -10.63 29.63
N SER A 34 15.22 -9.66 29.33
CA SER A 34 14.81 -8.26 29.36
C SER A 34 13.77 -7.97 28.29
N PHE A 35 13.92 -8.59 27.12
CA PHE A 35 12.95 -8.34 26.07
C PHE A 35 11.57 -8.82 26.51
N TRP A 36 11.49 -10.05 27.00
CA TRP A 36 10.21 -10.62 27.34
C TRP A 36 9.57 -9.90 28.52
N ALA A 37 10.37 -9.51 29.51
CA ALA A 37 9.82 -8.66 30.57
C ALA A 37 9.31 -7.35 30.00
N GLY A 38 9.98 -6.81 28.98
CA GLY A 38 9.49 -5.60 28.33
C GLY A 38 8.16 -5.81 27.65
N VAL A 39 8.00 -6.93 26.93
CA VAL A 39 6.73 -7.27 26.30
C VAL A 39 5.60 -7.22 27.34
N ASP A 40 5.80 -7.92 28.46
CA ASP A 40 4.81 -7.96 29.53
C ASP A 40 4.52 -6.57 30.08
N LYS A 41 5.56 -5.77 30.31
CA LYS A 41 5.37 -4.45 30.90
C LYS A 41 4.63 -3.50 29.96
N VAL A 42 5.05 -3.46 28.69
CA VAL A 42 4.38 -2.59 27.71
C VAL A 42 2.93 -3.01 27.52
N VAL A 43 2.67 -4.31 27.40
CA VAL A 43 1.30 -4.77 27.22
C VAL A 43 0.43 -4.36 28.41
N ALA A 44 0.93 -4.58 29.63
CA ALA A 44 0.16 -4.19 30.81
C ALA A 44 -0.05 -2.69 30.88
N ASP A 45 0.99 -1.91 30.59
CA ASP A 45 0.89 -0.46 30.74
C ASP A 45 -0.05 0.16 29.71
N LEU A 46 -0.02 -0.31 28.46
CA LEU A 46 -0.68 0.40 27.36
C LEU A 46 -2.01 -0.21 26.95
N THR A 47 -2.32 -1.45 27.33
CA THR A 47 -3.62 -2.01 27.01
C THR A 47 -4.78 -1.16 27.49
N PRO A 48 -4.78 -0.60 28.71
CA PRO A 48 -5.96 0.19 29.14
C PRO A 48 -6.26 1.36 28.22
N GLN A 49 -5.25 2.21 27.93
CA GLN A 49 -5.48 3.30 27.00
CA GLN A 49 -5.40 3.30 26.98
C GLN A 49 -5.91 2.80 25.64
N ASN A 50 -5.29 1.73 25.13
CA ASN A 50 -5.71 1.15 23.85
C ASN A 50 -7.20 0.83 23.89
N GLN A 51 -7.66 0.18 24.97
CA GLN A 51 -9.08 -0.11 25.09
C GLN A 51 -9.93 1.16 25.18
N ALA A 52 -9.45 2.17 25.91
CA ALA A 52 -10.21 3.42 26.03
C ALA A 52 -10.40 4.06 24.66
N LEU A 53 -9.36 4.05 23.84
CA LEU A 53 -9.47 4.63 22.51
C LEU A 53 -10.56 3.94 21.71
N LEU A 54 -10.60 2.61 21.75
CA LEU A 54 -11.62 1.87 21.00
C LEU A 54 -13.02 2.18 21.52
N ASN A 55 -13.17 2.31 22.84
CA ASN A 55 -14.48 2.65 23.41
C ASN A 55 -14.91 4.04 22.95
N ALA A 56 -13.97 4.98 22.85
CA ALA A 56 -14.31 6.32 22.38
C ALA A 56 -14.85 6.29 20.95
N ARG A 57 -14.26 5.45 20.10
CA ARG A 57 -14.80 5.29 18.75
C ARG A 57 -16.27 4.91 18.81
N ASP A 58 -16.59 3.90 19.64
CA ASP A 58 -17.96 3.40 19.72
C ASP A 58 -18.91 4.45 20.29
N GLU A 59 -18.45 5.23 21.26
CA GLU A 59 -19.29 6.28 21.82
C GLU A 59 -19.55 7.39 20.79
N LEU A 60 -18.53 7.80 20.06
CA LEU A 60 -18.74 8.84 19.05
C LEU A 60 -19.69 8.34 17.98
N GLN A 61 -19.52 7.09 17.54
CA GLN A 61 -20.38 6.57 16.48
C GLN A 61 -21.83 6.45 16.94
N ALA A 62 -22.06 6.06 18.20
CA ALA A 62 -23.44 5.96 18.68
C ALA A 62 -24.10 7.34 18.69
N GLN A 63 -23.36 8.36 19.11
CA GLN A 63 -23.90 9.72 19.09
C GLN A 63 -24.25 10.17 17.68
N ILE A 64 -23.39 9.86 16.71
CA ILE A 64 -23.68 10.26 15.33
C ILE A 64 -24.89 9.50 14.80
N ASP A 65 -24.96 8.20 15.05
CA ASP A 65 -26.16 7.42 14.71
C ASP A 65 -27.40 8.11 15.24
N LYS A 66 -27.40 8.45 16.54
CA LYS A 66 -28.56 9.09 17.16
C LYS A 66 -28.87 10.45 16.54
N TRP A 67 -27.82 11.23 16.23
CA TRP A 67 -28.03 12.52 15.58
C TRP A 67 -28.83 12.36 14.30
N HIS A 68 -28.48 11.38 13.48
CA HIS A 68 -29.20 11.18 12.22
C HIS A 68 -30.62 10.68 12.48
N ARG A 69 -30.78 9.76 13.43
CA ARG A 69 -32.09 9.19 13.71
C ARG A 69 -33.09 10.24 14.18
N ARG A 70 -32.63 11.28 14.86
CA ARG A 70 -33.55 12.24 15.44
C ARG A 70 -33.90 13.38 14.49
N ARG A 71 -33.41 13.36 13.26
CA ARG A 71 -33.77 14.40 12.30
C ARG A 71 -34.49 13.84 11.09
N VAL A 72 -35.13 14.76 10.36
CA VAL A 72 -36.05 14.45 9.28
C VAL A 72 -35.56 15.03 7.95
N ILE A 73 -35.13 16.29 7.95
CA ILE A 73 -34.85 17.03 6.72
C ILE A 73 -33.68 16.40 5.97
N GLU A 74 -33.94 15.91 4.76
CA GLU A 74 -32.89 15.24 4.00
C GLU A 74 -31.69 16.14 3.73
N PRO A 75 -31.84 17.39 3.24
CA PRO A 75 -30.64 18.24 3.13
C PRO A 75 -30.08 18.52 4.52
N ILE A 76 -28.95 17.88 4.84
CA ILE A 76 -28.38 18.04 6.16
C ILE A 76 -27.93 19.48 6.35
N ASP A 77 -28.36 20.10 7.45
CA ASP A 77 -27.89 21.43 7.82
C ASP A 77 -26.43 21.32 8.25
N MET A 78 -25.52 21.69 7.36
CA MET A 78 -24.09 21.57 7.61
C MET A 78 -23.64 22.38 8.81
N ASP A 79 -24.27 23.54 9.05
CA ASP A 79 -23.87 24.35 10.19
C ASP A 79 -24.11 23.64 11.51
N ALA A 80 -25.26 22.98 11.63
CA ALA A 80 -25.57 22.29 12.88
C ALA A 80 -24.77 21.00 13.01
N TYR A 81 -24.66 20.24 11.91
CA TYR A 81 -23.88 19.02 11.89
C TYR A 81 -22.45 19.27 12.38
N ARG A 82 -21.83 20.33 11.85
CA ARG A 82 -20.46 20.64 12.20
C ARG A 82 -20.36 21.12 13.65
N GLN A 83 -21.33 21.91 14.11
CA GLN A 83 -21.36 22.28 15.52
C GLN A 83 -21.52 21.06 16.40
N PHE A 84 -22.32 20.09 15.96
CA PHE A 84 -22.50 18.86 16.70
C PHE A 84 -21.17 18.09 16.82
N LEU A 85 -20.55 17.80 15.67
CA LEU A 85 -19.27 17.10 15.67
C LEU A 85 -18.25 17.79 16.56
N THR A 86 -18.27 19.12 16.60
CA THR A 86 -17.36 19.85 17.47
C THR A 86 -17.74 19.64 18.94
N GLU A 87 -19.03 19.66 19.23
CA GLU A 87 -19.48 19.57 20.61
C GLU A 87 -19.07 18.24 21.23
N ILE A 88 -19.18 17.15 20.46
CA ILE A 88 -18.86 15.83 20.97
C ILE A 88 -17.38 15.47 20.87
N GLY A 89 -16.53 16.38 20.39
CA GLY A 89 -15.10 16.11 20.36
C GLY A 89 -14.63 15.30 19.17
N TYR A 90 -15.48 15.13 18.16
CA TYR A 90 -15.12 14.46 16.92
C TYR A 90 -14.29 15.36 16.03
N LEU A 91 -14.68 16.62 15.94
CA LEU A 91 -13.99 17.64 15.17
C LEU A 91 -13.27 18.55 16.15
N LEU A 92 -11.95 18.56 16.09
CA LEU A 92 -11.14 19.25 17.09
C LEU A 92 -10.56 20.54 16.53
N PRO A 93 -10.15 21.47 17.38
CA PRO A 93 -9.53 22.70 16.89
C PRO A 93 -8.31 22.40 16.04
N GLU A 94 -8.09 23.21 15.03
CA GLU A 94 -6.90 23.13 14.18
C GLU A 94 -5.71 23.73 14.93
N PRO A 95 -4.59 23.03 15.02
CA PRO A 95 -3.41 23.62 15.66
C PRO A 95 -2.86 24.75 14.80
N ASP A 96 -2.05 25.60 15.45
CA ASP A 96 -1.26 26.58 14.72
C ASP A 96 -0.33 25.89 13.72
N ASP A 97 0.07 26.63 12.70
CA ASP A 97 0.97 26.08 11.69
C ASP A 97 2.28 25.62 12.36
N PHE A 98 2.93 24.66 11.74
CA PHE A 98 4.13 24.05 12.29
C PHE A 98 4.85 23.33 11.16
N THR A 99 6.11 22.99 11.41
CA THR A 99 6.93 22.22 10.49
C THR A 99 7.38 20.94 11.18
N ILE A 100 7.30 19.81 10.47
CA ILE A 100 7.70 18.54 11.09
C ILE A 100 9.20 18.55 11.32
N THR A 101 9.63 17.80 12.34
CA THR A 101 11.02 17.77 12.74
C THR A 101 11.66 16.41 12.56
N THR A 102 10.99 15.49 11.85
CA THR A 102 11.48 14.11 11.70
C THR A 102 12.88 14.08 11.11
N SER A 103 13.79 13.31 11.70
CA SER A 103 15.17 13.28 11.24
C SER A 103 15.68 11.85 11.13
N GLY A 104 16.82 11.67 10.49
CA GLY A 104 17.33 10.32 10.30
C GLY A 104 16.60 9.53 9.25
N VAL A 105 15.96 10.20 8.29
CA VAL A 105 15.17 9.55 7.25
C VAL A 105 16.00 9.43 5.98
N ASP A 106 15.80 8.33 5.25
CA ASP A 106 16.56 8.01 4.05
C ASP A 106 16.06 8.81 2.85
N ALA A 107 16.91 8.88 1.83
CA ALA A 107 16.66 9.74 0.67
C ALA A 107 15.44 9.27 -0.12
N GLU A 108 15.23 7.96 -0.21
CA GLU A 108 14.06 7.40 -0.88
C GLU A 108 12.77 7.99 -0.34
N ILE A 109 12.77 8.49 0.88
CA ILE A 109 11.56 9.04 1.49
C ILE A 109 11.57 10.56 1.51
N THR A 110 12.72 11.16 1.88
CA THR A 110 12.76 12.62 1.98
C THR A 110 12.77 13.29 0.62
N THR A 111 13.29 12.61 -0.41
CA THR A 111 13.69 13.34 -1.61
C THR A 111 13.14 12.75 -2.90
N THR A 112 13.32 11.45 -3.10
CA THR A 112 12.91 10.82 -4.34
C THR A 112 11.39 10.75 -4.41
N ALA A 113 10.83 11.11 -5.55
CA ALA A 113 9.42 10.85 -5.82
C ALA A 113 9.34 9.63 -6.75
N GLY A 114 8.48 8.69 -6.43
CA GLY A 114 8.34 7.51 -7.27
C GLY A 114 7.36 6.51 -6.70
N PRO A 115 7.16 5.40 -7.40
CA PRO A 115 6.15 4.43 -6.97
C PRO A 115 6.45 3.79 -5.62
N GLN A 116 5.38 3.36 -4.94
CA GLN A 116 5.49 2.65 -3.67
C GLN A 116 4.67 1.37 -3.78
N LEU A 117 5.33 0.23 -3.62
CA LEU A 117 4.72 -1.07 -3.83
C LEU A 117 4.26 -1.65 -2.51
N VAL A 118 3.08 -2.28 -2.49
CA VAL A 118 2.57 -2.96 -1.30
C VAL A 118 2.46 -4.44 -1.60
N VAL A 119 2.93 -5.28 -0.68
CA VAL A 119 2.99 -6.73 -0.92
C VAL A 119 2.67 -7.50 0.37
N PRO A 120 1.95 -8.62 0.30
CA PRO A 120 1.68 -9.42 1.50
C PRO A 120 2.96 -10.05 2.03
N VAL A 121 3.28 -9.78 3.29
CA VAL A 121 4.52 -10.28 3.86
C VAL A 121 4.50 -11.80 4.03
N LEU A 122 3.32 -12.41 4.11
CA LEU A 122 3.27 -13.86 4.31
C LEU A 122 3.60 -14.67 3.07
N ASN A 123 3.74 -14.03 1.90
CA ASN A 123 4.11 -14.70 0.66
C ASN A 123 5.56 -14.35 0.36
N ALA A 124 6.48 -15.25 0.71
CA ALA A 124 7.90 -14.90 0.68
C ALA A 124 8.36 -14.64 -0.76
N ARG A 125 7.83 -15.42 -1.71
CA ARG A 125 8.16 -15.20 -3.12
C ARG A 125 7.71 -13.81 -3.59
N PHE A 126 6.47 -13.43 -3.33
CA PHE A 126 6.02 -12.10 -3.73
C PHE A 126 6.85 -11.02 -3.03
N ALA A 127 7.18 -11.24 -1.75
CA ALA A 127 7.92 -10.25 -0.99
C ALA A 127 9.33 -10.07 -1.53
N LEU A 128 10.00 -11.17 -1.90
CA LEU A 128 11.31 -11.06 -2.53
C LEU A 128 11.22 -10.28 -3.85
N ASN A 129 10.25 -10.62 -4.70
CA ASN A 129 10.08 -9.93 -5.97
C ASN A 129 9.84 -8.44 -5.76
N ALA A 130 9.06 -8.10 -4.72
CA ALA A 130 8.76 -6.71 -4.43
C ALA A 130 10.01 -5.98 -3.94
N ALA A 131 10.80 -6.62 -3.07
CA ALA A 131 12.03 -5.98 -2.62
C ALA A 131 12.98 -5.74 -3.78
N ASN A 132 13.04 -6.69 -4.73
CA ASN A 132 13.83 -6.58 -5.94
C ASN A 132 13.23 -5.65 -6.98
N ALA A 133 11.99 -5.20 -6.78
CA ALA A 133 11.35 -4.35 -7.76
C ALA A 133 11.91 -2.92 -7.78
N ARG A 134 12.97 -2.59 -7.05
CA ARG A 134 13.61 -1.29 -7.23
C ARG A 134 14.00 -1.05 -8.68
N TRP A 135 14.35 -2.13 -9.40
CA TRP A 135 14.68 -2.05 -10.82
C TRP A 135 13.81 -3.02 -11.58
N GLY A 136 13.32 -2.59 -12.73
CA GLY A 136 12.40 -3.40 -13.51
C GLY A 136 12.53 -3.10 -14.99
N SER A 137 12.33 -4.14 -15.79
CA SER A 137 12.44 -4.03 -17.24
C SER A 137 11.22 -3.30 -17.79
N LEU A 138 11.45 -2.19 -18.50
CA LEU A 138 10.35 -1.51 -19.18
C LEU A 138 9.87 -2.28 -20.40
N TYR A 139 10.78 -2.94 -21.12
CA TYR A 139 10.35 -3.74 -22.25
C TYR A 139 9.41 -4.84 -21.80
N ASP A 140 9.72 -5.50 -20.67
CA ASP A 140 8.87 -6.58 -20.17
C ASP A 140 7.50 -6.05 -19.77
N ALA A 141 7.47 -4.88 -19.12
CA ALA A 141 6.21 -4.29 -18.67
C ALA A 141 5.32 -3.87 -19.83
N LEU A 142 5.93 -3.38 -20.91
CA LEU A 142 5.18 -2.95 -22.09
C LEU A 142 4.73 -4.13 -22.93
N TYR A 143 5.64 -5.07 -23.20
CA TYR A 143 5.28 -6.25 -23.99
C TYR A 143 4.21 -7.09 -23.29
N GLY A 144 4.35 -7.30 -21.98
CA GLY A 144 3.49 -8.21 -21.25
C GLY A 144 2.11 -7.67 -20.88
N THR A 145 1.86 -6.39 -21.07
CA THR A 145 0.61 -5.76 -20.65
C THR A 145 -0.06 -5.10 -21.84
N ASP A 146 -1.30 -4.64 -21.62
CA ASP A 146 -2.05 -3.99 -22.68
C ASP A 146 -1.63 -2.53 -22.92
N VAL A 147 -0.53 -2.06 -22.31
CA VAL A 147 -0.06 -0.71 -22.65
C VAL A 147 0.26 -0.65 -24.14
N ILE A 148 0.82 -1.72 -24.69
CA ILE A 148 0.86 -1.94 -26.13
C ILE A 148 -0.39 -2.73 -26.50
N PRO A 149 -1.39 -2.12 -27.13
CA PRO A 149 -2.62 -2.85 -27.43
C PRO A 149 -2.33 -4.09 -28.26
N GLU A 150 -3.04 -5.17 -27.98
CA GLU A 150 -2.92 -6.38 -28.77
C GLU A 150 -3.78 -6.27 -30.03
N THR A 151 -3.46 -5.28 -30.85
CA THR A 151 -4.16 -5.10 -32.11
C THR A 151 -3.71 -6.17 -33.10
N ASP A 152 -4.41 -6.18 -34.24
CA ASP A 152 -4.13 -7.13 -35.31
C ASP A 152 -2.65 -7.11 -35.67
N GLY A 153 -2.03 -8.29 -35.64
CA GLY A 153 -0.61 -8.39 -35.90
C GLY A 153 0.29 -8.11 -34.71
N ALA A 154 -0.22 -7.48 -33.65
CA ALA A 154 0.59 -7.18 -32.48
C ALA A 154 0.20 -8.00 -31.25
N GLU A 155 -0.39 -9.17 -31.45
CA GLU A 155 -0.85 -10.00 -30.34
C GLU A 155 0.31 -10.70 -29.65
N LYS A 156 0.13 -10.95 -28.36
CA LYS A 156 1.05 -11.83 -27.63
C LYS A 156 0.79 -13.27 -28.05
N GLY A 157 1.86 -13.99 -28.37
CA GLY A 157 1.75 -15.38 -28.75
C GLY A 157 2.60 -16.24 -27.84
N PRO A 158 2.80 -17.51 -28.22
CA PRO A 158 3.69 -18.36 -27.43
C PRO A 158 5.15 -17.96 -27.57
N THR A 159 5.54 -17.38 -28.70
CA THR A 159 6.90 -16.92 -28.94
C THR A 159 6.92 -15.43 -29.25
N TYR A 160 8.14 -14.89 -29.36
CA TYR A 160 8.33 -13.45 -29.53
C TYR A 160 7.65 -12.96 -30.80
N ASN A 161 6.78 -11.96 -30.65
CA ASN A 161 6.17 -11.29 -31.78
C ASN A 161 6.98 -10.02 -32.05
N LYS A 162 7.65 -9.99 -33.20
CA LYS A 162 8.52 -8.86 -33.52
C LYS A 162 7.73 -7.60 -33.83
N VAL A 163 6.53 -7.74 -34.42
CA VAL A 163 5.71 -6.56 -34.64
C VAL A 163 5.35 -5.91 -33.30
N ARG A 164 5.01 -6.74 -32.31
CA ARG A 164 4.76 -6.22 -30.97
C ARG A 164 6.02 -5.64 -30.34
N GLY A 165 7.12 -6.39 -30.40
CA GLY A 165 8.37 -5.87 -29.84
C GLY A 165 8.79 -4.55 -30.45
N ASP A 166 8.64 -4.42 -31.77
CA ASP A 166 8.94 -3.15 -32.42
C ASP A 166 8.09 -2.02 -31.86
N LYS A 167 6.81 -2.28 -31.55
CA LYS A 167 5.98 -1.27 -30.89
C LYS A 167 6.50 -0.96 -29.49
N VAL A 168 6.93 -1.99 -28.77
CA VAL A 168 7.55 -1.78 -27.45
C VAL A 168 8.77 -0.89 -27.58
N ILE A 169 9.65 -1.21 -28.51
CA ILE A 169 10.86 -0.42 -28.72
C ILE A 169 10.51 1.02 -29.02
N ALA A 170 9.58 1.26 -29.96
CA ALA A 170 9.25 2.64 -30.31
C ALA A 170 8.64 3.39 -29.13
N TYR A 171 7.88 2.70 -28.30
CA TYR A 171 7.30 3.35 -27.13
C TYR A 171 8.39 3.86 -26.21
N ALA A 172 9.40 3.02 -25.95
CA ALA A 172 10.49 3.39 -25.05
C ALA A 172 11.40 4.46 -25.64
N ARG A 173 11.60 4.46 -26.97
CA ARG A 173 12.36 5.55 -27.58
C ARG A 173 11.65 6.88 -27.38
N LYS A 174 10.32 6.90 -27.49
CA LYS A 174 9.62 8.15 -27.25
C LYS A 174 9.75 8.58 -25.81
N PHE A 175 9.65 7.63 -24.86
CA PHE A 175 9.86 7.95 -23.45
C PHE A 175 11.24 8.56 -23.23
N LEU A 176 12.29 7.96 -23.82
CA LEU A 176 13.62 8.56 -23.74
C LEU A 176 13.62 9.99 -24.31
N ASP A 177 13.05 10.18 -25.51
CA ASP A 177 12.99 11.54 -26.05
C ASP A 177 12.30 12.48 -25.07
N ASP A 178 11.19 12.04 -24.48
CA ASP A 178 10.46 12.89 -23.55
C ASP A 178 11.24 13.13 -22.27
N SER A 179 12.03 12.16 -21.81
CA SER A 179 12.59 12.23 -20.46
C SER A 179 14.03 12.73 -20.42
N VAL A 180 14.85 12.33 -21.39
CA VAL A 180 16.24 12.74 -21.40
C VAL A 180 16.52 13.26 -22.82
N PRO A 181 16.04 14.45 -23.16
CA PRO A 181 16.03 14.86 -24.56
C PRO A 181 17.44 15.04 -25.12
N LEU A 182 17.59 14.69 -26.40
CA LEU A 182 18.85 14.94 -27.10
C LEU A 182 18.95 16.40 -27.50
N SER A 183 20.21 16.88 -27.60
CA SER A 183 20.46 18.21 -28.16
C SER A 183 19.71 18.40 -29.48
N SER A 184 19.87 17.46 -30.41
CA SER A 184 19.09 17.45 -31.64
C SER A 184 18.80 16.01 -32.03
N GLY A 185 17.68 15.81 -32.72
CA GLY A 185 17.31 14.48 -33.15
C GLY A 185 16.62 13.67 -32.05
N SER A 186 16.32 12.42 -32.41
CA SER A 186 15.52 11.53 -31.59
C SER A 186 16.31 10.28 -31.25
N PHE A 187 16.08 9.72 -30.05
CA PHE A 187 16.67 8.43 -29.72
C PHE A 187 16.26 7.35 -30.70
N GLY A 188 15.08 7.49 -31.31
CA GLY A 188 14.64 6.50 -32.27
C GLY A 188 15.57 6.35 -33.46
N ASP A 189 16.46 7.31 -33.67
CA ASP A 189 17.41 7.27 -34.78
C ASP A 189 18.82 6.96 -34.33
N ALA A 190 19.02 6.68 -33.04
CA ALA A 190 20.35 6.40 -32.53
C ALA A 190 20.91 5.13 -33.17
N THR A 191 22.21 5.15 -33.48
CA THR A 191 22.91 3.99 -33.97
C THR A 191 23.95 3.48 -32.98
N GLY A 192 24.24 4.24 -31.94
CA GLY A 192 25.22 3.80 -30.96
C GLY A 192 25.36 4.84 -29.86
N PHE A 193 25.95 4.39 -28.76
CA PHE A 193 26.24 5.22 -27.60
C PHE A 193 27.71 5.06 -27.26
N THR A 194 28.37 6.18 -26.98
CA THR A 194 29.74 6.19 -26.48
C THR A 194 29.87 7.26 -25.41
N VAL A 195 30.94 7.14 -24.63
CA VAL A 195 31.27 8.12 -23.60
C VAL A 195 32.59 8.78 -23.98
N GLN A 196 32.57 10.10 -24.11
CA GLN A 196 33.73 10.86 -24.56
C GLN A 196 33.92 12.07 -23.65
N ASP A 197 35.10 12.17 -23.03
CA ASP A 197 35.44 13.26 -22.11
C ASP A 197 34.36 13.42 -21.04
N GLY A 198 33.94 12.29 -20.47
CA GLY A 198 32.92 12.29 -19.43
C GLY A 198 31.53 12.67 -19.87
N GLN A 199 31.29 12.81 -21.17
CA GLN A 199 29.98 13.13 -21.70
C GLN A 199 29.43 11.96 -22.50
N LEU A 200 28.11 11.88 -22.57
CA LEU A 200 27.46 10.87 -23.39
C LEU A 200 27.31 11.42 -24.81
N VAL A 201 27.73 10.62 -25.79
CA VAL A 201 27.60 10.97 -27.20
C VAL A 201 26.72 9.92 -27.85
N VAL A 202 25.65 10.38 -28.50
CA VAL A 202 24.68 9.52 -29.16
C VAL A 202 24.88 9.66 -30.66
N ALA A 203 25.25 8.56 -31.31
CA ALA A 203 25.49 8.58 -32.74
C ALA A 203 24.15 8.58 -33.47
N LEU A 204 23.99 9.48 -34.42
CA LEU A 204 22.84 9.56 -35.31
C LEU A 204 23.26 9.17 -36.71
N PRO A 205 22.32 9.03 -37.65
CA PRO A 205 22.74 8.67 -39.01
C PRO A 205 23.73 9.66 -39.61
N ASP A 206 23.41 10.96 -39.58
CA ASP A 206 24.19 11.97 -40.27
C ASP A 206 25.08 12.79 -39.33
N LYS A 207 25.05 12.55 -38.03
CA LYS A 207 25.80 13.36 -37.09
C LYS A 207 25.83 12.67 -35.74
N SER A 208 26.47 13.32 -34.77
CA SER A 208 26.44 12.90 -33.39
C SER A 208 25.89 14.03 -32.54
N THR A 209 25.42 13.67 -31.34
CA THR A 209 24.80 14.65 -30.48
C THR A 209 24.97 14.20 -29.04
N GLY A 210 24.90 15.16 -28.13
CA GLY A 210 24.81 14.89 -26.71
C GLY A 210 23.41 15.14 -26.18
N LEU A 211 23.31 15.11 -24.86
CA LEU A 211 22.05 15.41 -24.20
C LEU A 211 21.85 16.91 -24.14
N ALA A 212 20.59 17.35 -24.27
CA ALA A 212 20.29 18.76 -24.06
C ALA A 212 20.72 19.19 -22.67
N ASN A 213 20.53 18.31 -21.67
CA ASN A 213 21.06 18.52 -20.33
C ASN A 213 22.09 17.43 -20.05
N PRO A 214 23.37 17.70 -20.31
CA PRO A 214 24.41 16.68 -20.07
C PRO A 214 24.43 16.16 -18.66
N GLY A 215 23.89 16.91 -17.69
CA GLY A 215 23.82 16.44 -16.32
C GLY A 215 22.87 15.28 -16.08
N GLN A 216 22.07 14.90 -17.09
CA GLN A 216 21.22 13.71 -16.97
C GLN A 216 21.99 12.42 -17.24
N PHE A 217 23.23 12.52 -17.75
CA PHE A 217 24.13 11.39 -17.84
C PHE A 217 24.66 11.05 -16.46
N ALA A 218 24.38 9.82 -16.00
CA ALA A 218 24.74 9.41 -14.65
C ALA A 218 25.84 8.37 -14.60
N GLY A 219 26.04 7.60 -15.65
CA GLY A 219 27.09 6.59 -15.63
C GLY A 219 26.92 5.59 -16.75
N TYR A 220 27.77 4.58 -16.70
CA TYR A 220 27.72 3.54 -17.72
C TYR A 220 28.36 2.28 -17.15
N THR A 221 28.28 1.20 -17.93
CA THR A 221 29.04 0.01 -17.64
C THR A 221 29.79 -0.39 -18.90
N GLY A 222 30.86 -1.16 -18.72
CA GLY A 222 31.68 -1.56 -19.86
C GLY A 222 32.61 -0.46 -20.33
N ALA A 223 33.21 -0.69 -21.49
CA ALA A 223 34.18 0.25 -22.04
C ALA A 223 33.47 1.52 -22.54
N ALA A 224 34.07 2.67 -22.24
CA ALA A 224 33.48 3.94 -22.66
C ALA A 224 33.22 4.01 -24.16
N GLU A 225 34.06 3.36 -24.97
CA GLU A 225 33.96 3.43 -26.42
C GLU A 225 33.05 2.34 -27.00
N SER A 226 32.57 1.44 -26.15
CA SER A 226 31.60 0.42 -26.52
CA SER A 226 31.61 0.40 -26.51
C SER A 226 30.91 -0.06 -25.25
N PRO A 227 30.09 0.78 -24.62
CA PRO A 227 29.53 0.43 -23.32
C PRO A 227 28.51 -0.69 -23.44
N THR A 228 28.35 -1.41 -22.33
CA THR A 228 27.30 -2.41 -22.22
C THR A 228 26.00 -1.81 -21.70
N SER A 229 26.06 -0.65 -21.07
CA SER A 229 24.84 0.05 -20.70
C SER A 229 25.18 1.51 -20.42
N VAL A 230 24.16 2.35 -20.55
CA VAL A 230 24.25 3.78 -20.30
C VAL A 230 23.21 4.12 -19.24
N LEU A 231 23.63 4.83 -18.20
CA LEU A 231 22.78 5.16 -17.06
C LEU A 231 22.44 6.64 -17.09
N LEU A 232 21.15 6.95 -17.06
CA LEU A 232 20.65 8.31 -17.03
C LEU A 232 19.82 8.53 -15.78
N ILE A 233 19.55 9.81 -15.50
CA ILE A 233 18.74 10.22 -14.36
C ILE A 233 17.83 11.36 -14.78
N ASN A 234 16.60 11.36 -14.28
CA ASN A 234 15.62 12.38 -14.56
C ASN A 234 14.66 12.45 -13.39
N HIS A 235 14.45 13.64 -12.84
CA HIS A 235 13.61 13.82 -11.63
C HIS A 235 14.03 12.85 -10.53
N GLY A 236 15.35 12.70 -10.35
CA GLY A 236 15.87 11.85 -9.31
C GLY A 236 15.70 10.36 -9.54
N LEU A 237 15.16 9.93 -10.68
CA LEU A 237 14.94 8.52 -10.97
C LEU A 237 15.84 8.04 -12.10
N HIS A 238 16.40 6.84 -11.93
CA HIS A 238 17.41 6.35 -12.86
C HIS A 238 16.77 5.56 -13.99
N ILE A 239 17.37 5.69 -15.17
CA ILE A 239 17.01 4.95 -16.38
C ILE A 239 18.28 4.28 -16.87
N GLU A 240 18.20 3.00 -17.23
CA GLU A 240 19.38 2.31 -17.72
C GLU A 240 19.08 1.67 -19.06
N ILE A 241 19.82 2.10 -20.08
CA ILE A 241 19.73 1.52 -21.41
C ILE A 241 20.73 0.37 -21.49
N LEU A 242 20.23 -0.84 -21.75
CA LEU A 242 21.10 -2.01 -21.90
C LEU A 242 21.44 -2.22 -23.38
N ILE A 243 22.74 -2.31 -23.67
CA ILE A 243 23.24 -2.43 -25.04
C ILE A 243 23.81 -3.83 -25.24
N ASP A 244 23.19 -4.58 -26.14
CA ASP A 244 23.67 -5.92 -26.46
C ASP A 244 23.20 -6.33 -27.86
N PRO A 245 23.99 -6.04 -28.89
CA PRO A 245 23.52 -6.33 -30.27
C PRO A 245 23.35 -7.81 -30.58
N GLU A 246 23.94 -8.70 -29.79
CA GLU A 246 23.78 -10.13 -30.03
C GLU A 246 22.63 -10.73 -29.22
N SER A 247 21.88 -9.92 -28.48
CA SER A 247 20.71 -10.39 -27.77
C SER A 247 19.52 -10.49 -28.72
N GLN A 248 18.48 -11.19 -28.27
CA GLN A 248 17.35 -11.46 -29.16
C GLN A 248 16.67 -10.16 -29.62
N VAL A 249 16.54 -9.19 -28.70
CA VAL A 249 15.94 -7.91 -29.05
C VAL A 249 16.98 -6.97 -29.63
N GLY A 250 18.18 -6.94 -29.05
CA GLY A 250 19.22 -6.06 -29.56
C GLY A 250 19.55 -6.31 -31.02
N THR A 251 19.52 -7.57 -31.46
CA THR A 251 19.77 -7.86 -32.87
C THR A 251 18.83 -7.10 -33.79
N THR A 252 17.60 -6.85 -33.35
CA THR A 252 16.63 -6.18 -34.20
C THR A 252 16.69 -4.66 -34.07
N ASP A 253 17.55 -4.14 -33.21
CA ASP A 253 17.49 -2.74 -32.80
C ASP A 253 18.57 -1.92 -33.50
N ARG A 254 18.20 -0.70 -33.90
CA ARG A 254 19.10 0.12 -34.67
C ARG A 254 20.36 0.50 -33.89
N ALA A 255 20.30 0.52 -32.57
CA ALA A 255 21.47 0.79 -31.74
C ALA A 255 21.89 -0.43 -30.93
N GLY A 256 21.33 -1.60 -31.24
CA GLY A 256 21.64 -2.79 -30.48
C GLY A 256 21.11 -2.76 -29.07
N VAL A 257 20.18 -1.87 -28.76
CA VAL A 257 19.61 -1.78 -27.41
C VAL A 257 18.80 -3.03 -27.11
N LYS A 258 19.05 -3.62 -25.95
CA LYS A 258 18.44 -4.85 -25.47
C LYS A 258 17.25 -4.61 -24.55
N ASP A 259 17.31 -3.58 -23.72
CA ASP A 259 16.24 -3.26 -22.78
C ASP A 259 16.43 -1.84 -22.28
N VAL A 260 15.36 -1.29 -21.73
CA VAL A 260 15.41 -0.07 -20.94
C VAL A 260 14.92 -0.43 -19.54
N ILE A 261 15.79 -0.27 -18.55
CA ILE A 261 15.49 -0.61 -17.16
C ILE A 261 15.13 0.67 -16.41
N LEU A 262 14.00 0.68 -15.72
CA LEU A 262 13.58 1.84 -14.93
C LEU A 262 13.76 1.54 -13.45
N GLU A 263 14.34 2.49 -12.73
CA GLU A 263 14.19 2.49 -11.28
C GLU A 263 12.71 2.63 -10.96
N SER A 264 12.13 1.63 -10.28
CA SER A 264 10.67 1.48 -10.26
C SER A 264 10.08 1.63 -8.87
N ALA A 265 10.04 0.55 -8.09
CA ALA A 265 9.51 0.61 -6.72
C ALA A 265 10.62 1.18 -5.84
N ILE A 266 10.56 2.49 -5.59
CA ILE A 266 11.58 3.11 -4.74
C ILE A 266 11.48 2.58 -3.32
N THR A 267 10.26 2.38 -2.84
CA THR A 267 10.00 1.82 -1.51
C THR A 267 8.92 0.76 -1.64
N THR A 268 8.94 -0.18 -0.71
CA THR A 268 7.96 -1.27 -0.67
C THR A 268 7.42 -1.36 0.75
N ILE A 269 6.13 -1.60 0.87
CA ILE A 269 5.49 -1.80 2.16
C ILE A 269 5.24 -3.30 2.32
N MET A 270 5.99 -3.92 3.23
CA MET A 270 5.82 -5.31 3.59
C MET A 270 4.64 -5.39 4.55
N ASP A 271 3.55 -6.01 4.13
CA ASP A 271 2.27 -5.79 4.76
C ASP A 271 1.91 -6.93 5.71
N PHE A 272 1.72 -6.60 6.99
CA PHE A 272 1.09 -7.49 7.96
C PHE A 272 -0.42 -7.26 8.10
N GLU A 273 -0.97 -6.24 7.43
CA GLU A 273 -2.36 -5.87 7.69
C GLU A 273 -3.27 -6.39 6.57
N ASP A 274 -3.86 -5.49 5.77
CA ASP A 274 -5.06 -5.86 5.03
C ASP A 274 -4.81 -6.81 3.86
N SER A 275 -3.57 -7.01 3.41
CA SER A 275 -3.34 -7.93 2.31
C SER A 275 -2.93 -9.33 2.77
N VAL A 276 -2.90 -9.62 4.08
CA VAL A 276 -2.59 -10.95 4.58
C VAL A 276 -3.68 -11.41 5.54
N ALA A 277 -3.75 -12.72 5.69
CA ALA A 277 -4.67 -13.41 6.60
C ALA A 277 -3.83 -14.14 7.64
N ALA A 278 -3.85 -13.63 8.87
CA ALA A 278 -3.00 -14.18 9.93
C ALA A 278 -3.81 -14.12 11.22
N VAL A 279 -4.27 -15.28 11.69
CA VAL A 279 -5.28 -15.31 12.74
C VAL A 279 -4.81 -16.00 14.01
N ASP A 280 -3.56 -16.46 14.05
CA ASP A 280 -3.01 -17.13 15.21
C ASP A 280 -1.49 -17.01 15.16
N ALA A 281 -0.83 -17.60 16.16
CA ALA A 281 0.61 -17.48 16.26
C ALA A 281 1.33 -18.14 15.10
N ALA A 282 0.80 -19.25 14.58
CA ALA A 282 1.46 -19.89 13.44
C ALA A 282 1.47 -18.96 12.24
N ASP A 283 0.37 -18.27 11.97
CA ASP A 283 0.31 -17.33 10.85
C ASP A 283 1.23 -16.13 11.07
N LYS A 284 1.19 -15.54 12.27
CA LYS A 284 2.04 -14.39 12.58
C LYS A 284 3.51 -14.75 12.46
N VAL A 285 3.90 -15.96 12.91
CA VAL A 285 5.30 -16.37 12.83
C VAL A 285 5.75 -16.49 11.38
N LEU A 286 4.90 -17.03 10.50
CA LEU A 286 5.25 -17.10 9.08
C LEU A 286 5.60 -15.72 8.55
N GLY A 287 4.77 -14.72 8.85
CA GLY A 287 5.05 -13.36 8.41
C GLY A 287 6.27 -12.76 9.09
N TYR A 288 6.36 -12.89 10.43
CA TYR A 288 7.55 -12.42 11.14
C TYR A 288 8.83 -13.03 10.58
N ARG A 289 8.79 -14.35 10.28
CA ARG A 289 9.99 -14.99 9.74
C ARG A 289 10.36 -14.42 8.38
N ASN A 290 9.37 -14.16 7.53
CA ASN A 290 9.67 -13.54 6.24
C ASN A 290 10.25 -12.15 6.42
N TRP A 291 9.62 -11.32 7.26
CA TRP A 291 10.13 -9.99 7.57
C TRP A 291 11.55 -10.06 8.10
N LEU A 292 11.86 -11.09 8.89
CA LEU A 292 13.20 -11.29 9.42
C LEU A 292 14.20 -11.57 8.30
N GLY A 293 13.85 -12.50 7.40
CA GLY A 293 14.75 -12.81 6.29
C GLY A 293 14.96 -11.64 5.36
N LEU A 294 13.95 -10.78 5.22
CA LEU A 294 14.13 -9.58 4.41
C LEU A 294 15.14 -8.63 5.07
N ASN A 295 15.04 -8.48 6.38
CA ASN A 295 15.93 -7.55 7.07
C ASN A 295 17.33 -8.12 7.27
N LYS A 296 17.45 -9.43 7.40
CA LYS A 296 18.77 -10.04 7.43
C LYS A 296 19.35 -10.25 6.05
N GLY A 297 18.52 -10.17 5.01
CA GLY A 297 18.99 -10.30 3.66
C GLY A 297 19.10 -11.72 3.16
N ASP A 298 18.70 -12.70 3.97
CA ASP A 298 18.88 -14.10 3.60
C ASP A 298 17.57 -14.79 3.25
N LEU A 299 16.48 -14.04 3.06
CA LEU A 299 15.24 -14.67 2.64
C LEU A 299 15.43 -15.30 1.27
N ALA A 300 15.06 -16.56 1.15
CA ALA A 300 15.18 -17.28 -0.10
C ALA A 300 13.97 -18.19 -0.27
N ALA A 301 13.27 -18.05 -1.39
CA ALA A 301 12.11 -18.86 -1.70
C ALA A 301 12.41 -19.72 -2.92
N ALA A 302 12.20 -21.03 -2.78
CA ALA A 302 12.44 -21.93 -3.91
C ALA A 302 11.11 -22.34 -4.53
N LEU A 311 16.58 -21.08 -6.50
CA LEU A 311 16.47 -20.23 -5.32
C LEU A 311 16.33 -18.74 -5.65
N ARG A 312 15.16 -18.18 -5.36
CA ARG A 312 14.94 -16.75 -5.50
CA ARG A 312 14.94 -16.75 -5.50
C ARG A 312 15.48 -16.05 -4.26
N VAL A 313 16.37 -15.08 -4.47
CA VAL A 313 17.05 -14.36 -3.40
C VAL A 313 16.99 -12.86 -3.68
N LEU A 314 17.41 -12.08 -2.69
CA LEU A 314 17.46 -10.64 -2.82
C LEU A 314 18.62 -10.21 -3.70
N ASN A 315 18.42 -9.13 -4.43
CA ASN A 315 19.43 -8.63 -5.35
C ASN A 315 20.55 -7.89 -4.62
N ARG A 316 21.74 -7.92 -5.22
CA ARG A 316 22.84 -7.10 -4.75
C ARG A 316 22.71 -5.70 -5.34
N ASP A 317 23.50 -4.78 -4.80
CA ASP A 317 23.55 -3.42 -5.32
C ASP A 317 24.10 -3.43 -6.74
N ARG A 318 23.87 -2.33 -7.45
CA ARG A 318 24.22 -2.23 -8.86
C ARG A 318 25.46 -1.38 -9.00
N ASN A 319 26.43 -1.86 -9.77
CA ASN A 319 27.74 -1.22 -9.91
C ASN A 319 27.83 -0.44 -11.22
N TYR A 320 28.32 0.79 -11.14
CA TYR A 320 28.40 1.66 -12.30
C TYR A 320 29.76 2.35 -12.38
N THR A 321 30.08 2.84 -13.57
CA THR A 321 31.18 3.77 -13.77
C THR A 321 30.61 5.17 -13.90
N ALA A 322 31.13 6.11 -13.11
CA ALA A 322 30.67 7.49 -13.19
C ALA A 322 31.08 8.09 -14.55
N PRO A 323 30.44 9.20 -14.95
CA PRO A 323 30.77 9.80 -16.26
C PRO A 323 32.25 10.11 -16.41
N GLY A 324 32.76 11.03 -15.58
N GLY A 324 32.85 10.77 -15.42
CA GLY A 324 34.12 11.49 -15.76
CA GLY A 324 34.29 10.94 -15.42
C GLY A 324 35.15 10.47 -15.33
C GLY A 324 35.06 9.63 -15.54
N GLY A 325 34.77 9.55 -14.48
N GLY A 325 34.72 8.66 -14.70
CA GLY A 325 35.67 8.54 -13.96
CA GLY A 325 35.38 7.37 -14.81
C GLY A 325 35.21 8.34 -12.53
C GLY A 325 35.61 6.63 -13.51
N GLY A 326 35.33 7.10 -12.06
N GLY A 326 35.13 7.18 -12.39
CA GLY A 326 34.86 6.87 -10.70
CA GLY A 326 35.22 6.48 -11.12
C GLY A 326 33.82 5.77 -10.65
C GLY A 326 34.23 5.33 -11.04
N GLN A 327 34.11 4.77 -9.83
CA GLN A 327 33.17 3.70 -9.54
C GLN A 327 32.19 4.13 -8.47
N PHE A 328 30.92 3.76 -8.63
CA PHE A 328 29.95 3.97 -7.57
C PHE A 328 28.89 2.87 -7.65
N THR A 329 28.05 2.81 -6.62
CA THR A 329 27.00 1.81 -6.53
C THR A 329 25.67 2.49 -6.30
N LEU A 330 24.61 1.82 -6.77
CA LEU A 330 23.24 2.22 -6.53
C LEU A 330 22.53 1.08 -5.80
N PRO A 331 21.58 1.40 -4.92
CA PRO A 331 20.86 0.34 -4.20
C PRO A 331 20.16 -0.60 -5.18
N GLY A 332 20.26 -1.88 -4.90
CA GLY A 332 19.57 -2.89 -5.69
C GLY A 332 18.19 -3.24 -5.21
N ARG A 333 17.82 -2.73 -4.05
CA ARG A 333 16.60 -3.17 -3.38
C ARG A 333 15.74 -1.97 -3.04
N SER A 334 14.43 -2.22 -3.02
CA SER A 334 13.49 -1.25 -2.49
C SER A 334 13.76 -1.01 -1.02
N LEU A 335 13.72 0.25 -0.60
CA LEU A 335 13.71 0.56 0.82
C LEU A 335 12.39 0.07 1.44
N MET A 336 12.48 -0.69 2.53
CA MET A 336 11.33 -1.38 3.10
C MET A 336 10.72 -0.65 4.29
N PHE A 337 9.41 -0.44 4.20
CA PHE A 337 8.50 -0.21 5.31
C PHE A 337 7.87 -1.52 5.75
N VAL A 338 7.29 -1.53 6.93
CA VAL A 338 6.43 -2.64 7.34
C VAL A 338 5.11 -2.04 7.78
N ARG A 339 3.99 -2.62 7.34
CA ARG A 339 2.69 -2.13 7.79
C ARG A 339 2.24 -3.03 8.94
N ASN A 340 2.25 -2.47 10.15
CA ASN A 340 1.68 -3.14 11.31
C ASN A 340 0.15 -3.11 11.23
N VAL A 341 -0.51 -3.96 12.00
CA VAL A 341 -1.95 -3.79 12.13
C VAL A 341 -2.26 -2.57 13.01
N GLY A 342 -3.51 -2.11 12.94
CA GLY A 342 -3.96 -0.97 13.71
C GLY A 342 -4.36 -1.32 15.13
N HIS A 343 -5.09 -0.40 15.75
CA HIS A 343 -5.40 -0.45 17.17
C HIS A 343 -6.51 -1.44 17.53
N LEU A 344 -7.26 -1.95 16.57
CA LEU A 344 -8.49 -2.68 16.90
C LEU A 344 -8.23 -4.12 17.36
N MET A 345 -7.55 -4.90 16.55
CA MET A 345 -7.66 -6.35 16.68
C MET A 345 -6.78 -6.90 17.79
N THR A 346 -7.21 -8.03 18.34
CA THR A 346 -6.36 -8.86 19.19
C THR A 346 -6.05 -10.15 18.47
N ASN A 347 -5.10 -10.89 19.03
CA ASN A 347 -4.67 -12.17 18.46
C ASN A 347 -4.28 -13.09 19.61
N ASP A 348 -4.75 -14.33 19.57
CA ASP A 348 -4.45 -15.23 20.68
C ASP A 348 -3.03 -15.82 20.61
N ALA A 349 -2.17 -15.28 19.74
CA ALA A 349 -0.74 -15.61 19.82
C ALA A 349 -0.20 -15.35 21.21
N ILE A 350 -0.75 -14.34 21.91
CA ILE A 350 -0.50 -14.15 23.32
C ILE A 350 -1.83 -13.88 24.00
N VAL A 351 -2.05 -14.54 25.15
CA VAL A 351 -3.22 -14.31 25.98
C VAL A 351 -2.75 -14.03 27.40
N ASP A 352 -3.56 -13.30 28.17
CA ASP A 352 -3.17 -13.08 29.56
C ASP A 352 -3.70 -14.23 30.42
N THR A 353 -3.57 -14.09 31.75
CA THR A 353 -3.96 -15.15 32.66
C THR A 353 -5.46 -15.39 32.67
N ASP A 354 -6.26 -14.39 32.29
CA ASP A 354 -7.70 -14.60 32.15
C ASP A 354 -8.07 -15.28 30.82
N GLY A 355 -7.12 -15.51 29.92
CA GLY A 355 -7.44 -16.02 28.61
C GLY A 355 -7.80 -14.95 27.58
N SER A 356 -7.68 -13.67 27.93
CA SER A 356 -7.96 -12.58 27.01
C SER A 356 -6.81 -12.39 26.02
N GLU A 357 -7.15 -12.29 24.74
CA GLU A 357 -6.13 -12.09 23.73
C GLU A 357 -5.48 -10.71 23.89
N VAL A 358 -4.21 -10.63 23.51
CA VAL A 358 -3.43 -9.39 23.59
C VAL A 358 -3.66 -8.56 22.32
N PHE A 359 -3.58 -7.24 22.46
CA PHE A 359 -3.72 -6.35 21.30
C PHE A 359 -2.62 -6.61 20.28
N GLU A 360 -3.03 -6.83 19.03
CA GLU A 360 -2.10 -7.22 17.98
C GLU A 360 -1.23 -6.06 17.50
N GLY A 361 -1.76 -4.84 17.50
CA GLY A 361 -0.93 -3.69 17.17
C GLY A 361 0.24 -3.53 18.13
N ILE A 362 -0.02 -3.76 19.42
CA ILE A 362 1.07 -3.69 20.39
C ILE A 362 2.12 -4.75 20.08
N MET A 363 1.67 -5.99 19.82
CA MET A 363 2.60 -7.06 19.50
C MET A 363 3.41 -6.76 18.25
N ASP A 364 2.75 -6.25 17.19
CA ASP A 364 3.46 -5.98 15.94
C ASP A 364 4.56 -4.94 16.14
N ALA A 365 4.27 -3.91 16.94
CA ALA A 365 5.30 -2.91 17.21
C ALA A 365 6.52 -3.55 17.88
N LEU A 366 6.28 -4.44 18.84
CA LEU A 366 7.38 -5.08 19.55
C LEU A 366 8.15 -6.02 18.61
N PHE A 367 7.43 -6.85 17.87
CA PHE A 367 8.09 -7.90 17.12
C PHE A 367 8.62 -7.40 15.78
N THR A 368 7.82 -6.64 15.00
CA THR A 368 8.41 -6.11 13.77
C THR A 368 9.49 -5.07 14.07
N GLY A 369 9.34 -4.32 15.17
CA GLY A 369 10.42 -3.43 15.59
C GLY A 369 11.69 -4.17 15.94
N LEU A 370 11.60 -5.21 16.78
CA LEU A 370 12.77 -6.03 17.08
C LEU A 370 13.40 -6.57 15.80
N ILE A 371 12.58 -7.14 14.92
CA ILE A 371 13.13 -7.77 13.72
C ILE A 371 13.83 -6.75 12.83
N ALA A 372 13.29 -5.53 12.78
CA ALA A 372 13.82 -4.50 11.89
C ALA A 372 15.22 -4.07 12.29
N ILE A 373 15.65 -4.34 13.52
CA ILE A 373 17.01 -4.01 13.93
C ILE A 373 18.02 -4.69 13.00
N HIS A 374 17.72 -5.92 12.57
CA HIS A 374 18.62 -6.60 11.65
C HIS A 374 18.80 -5.85 10.35
N GLY A 375 17.79 -5.13 9.91
CA GLY A 375 17.89 -4.33 8.70
C GLY A 375 18.69 -3.07 8.85
N LEU A 376 19.15 -2.77 10.07
CA LEU A 376 20.04 -1.66 10.33
C LEU A 376 21.49 -2.10 10.45
N LYS A 377 21.78 -3.38 10.17
CA LYS A 377 23.13 -3.90 10.31
C LYS A 377 23.45 -4.82 9.13
N ALA A 378 24.75 -5.07 8.98
CA ALA A 378 25.31 -5.88 7.89
C ALA A 378 24.53 -7.19 7.70
N SER A 379 24.25 -7.52 6.44
CA SER A 379 23.41 -8.65 6.08
C SER A 379 24.28 -9.79 5.57
N ASP A 380 24.88 -10.52 6.53
CA ASP A 380 25.84 -11.61 6.25
C ASP A 380 25.58 -12.39 4.95
N PRO A 384 26.44 -6.89 4.31
CA PRO A 384 26.86 -5.92 3.30
C PRO A 384 25.97 -4.70 3.21
N LEU A 385 24.65 -4.88 3.05
CA LEU A 385 23.79 -3.72 3.00
C LEU A 385 22.63 -3.85 3.99
N ILE A 386 21.91 -2.75 4.06
CA ILE A 386 21.09 -2.34 5.16
C ILE A 386 19.70 -2.23 4.57
N ASN A 387 18.71 -1.94 5.41
CA ASN A 387 17.51 -1.35 4.86
C ASN A 387 17.61 0.17 4.94
N SER A 388 17.85 0.71 6.13
CA SER A 388 17.95 2.15 6.34
C SER A 388 19.39 2.52 6.66
N ARG A 389 20.01 3.32 5.80
CA ARG A 389 21.36 3.80 6.07
C ARG A 389 21.36 4.82 7.20
N THR A 390 20.27 5.57 7.37
CA THR A 390 20.24 6.65 8.32
C THR A 390 19.73 6.23 9.69
N GLY A 391 19.44 4.94 9.88
CA GLY A 391 19.14 4.43 11.21
C GLY A 391 17.69 4.46 11.62
N SER A 392 16.76 4.45 10.68
CA SER A 392 15.33 4.51 10.98
C SER A 392 14.66 3.17 10.71
N ILE A 393 13.59 2.92 11.46
CA ILE A 393 12.69 1.79 11.18
C ILE A 393 11.36 2.39 10.76
N TYR A 394 10.82 1.94 9.62
CA TYR A 394 9.69 2.61 8.97
C TYR A 394 8.42 1.76 9.10
N ILE A 395 7.49 2.21 9.93
CA ILE A 395 6.27 1.45 10.21
C ILE A 395 5.08 2.24 9.71
N VAL A 396 4.32 1.65 8.79
CA VAL A 396 3.03 2.20 8.41
C VAL A 396 2.02 1.83 9.48
N LYS A 397 1.32 2.82 10.01
CA LYS A 397 0.30 2.55 11.01
C LYS A 397 -1.07 2.84 10.40
N PRO A 398 -1.88 1.83 10.14
CA PRO A 398 -3.16 2.03 9.47
C PRO A 398 -4.31 2.23 10.45
N LYS A 399 -5.41 2.75 9.90
CA LYS A 399 -6.72 2.73 10.54
C LYS A 399 -6.77 3.50 11.85
N MET A 400 -6.00 4.58 11.98
CA MET A 400 -6.11 5.43 13.15
C MET A 400 -7.21 6.48 12.99
N HIS A 401 -7.90 6.77 14.08
CA HIS A 401 -9.00 7.73 14.14
C HIS A 401 -8.62 8.89 15.03
N GLY A 402 -8.06 9.96 14.45
CA GLY A 402 -7.84 11.19 15.17
C GLY A 402 -6.50 11.33 15.89
N PRO A 403 -6.23 12.53 16.42
CA PRO A 403 -4.91 12.82 16.98
C PRO A 403 -4.55 12.01 18.24
N ALA A 404 -5.52 11.69 19.10
CA ALA A 404 -5.18 10.93 20.29
C ALA A 404 -4.73 9.52 19.94
N GLU A 405 -5.28 8.94 18.86
CA GLU A 405 -4.82 7.63 18.42
C GLU A 405 -3.43 7.69 17.80
N VAL A 406 -3.10 8.83 17.16
CA VAL A 406 -1.73 9.01 16.69
C VAL A 406 -0.78 9.11 17.89
N ALA A 407 -1.17 9.88 18.91
CA ALA A 407 -0.31 10.05 20.07
C ALA A 407 -0.07 8.71 20.75
N PHE A 408 -1.12 7.88 20.84
CA PHE A 408 -0.95 6.55 21.42
C PHE A 408 0.09 5.75 20.65
N THR A 409 0.03 5.77 19.31
CA THR A 409 1.05 5.09 18.52
C THR A 409 2.45 5.63 18.83
N CYS A 410 2.57 6.95 18.99
CA CYS A 410 3.87 7.53 19.37
C CYS A 410 4.34 6.98 20.71
N GLU A 411 3.45 6.93 21.70
CA GLU A 411 3.85 6.41 23.00
C GLU A 411 4.20 4.93 22.92
N LEU A 412 3.41 4.15 22.19
CA LEU A 412 3.76 2.74 21.99
C LEU A 412 5.16 2.58 21.43
N PHE A 413 5.46 3.33 20.36
CA PHE A 413 6.76 3.23 19.73
C PHE A 413 7.87 3.66 20.70
N SER A 414 7.60 4.68 21.51
CA SER A 414 8.56 5.14 22.51
C SER A 414 8.87 4.05 23.53
N ARG A 415 7.83 3.35 24.00
CA ARG A 415 8.02 2.27 24.95
C ARG A 415 8.73 1.07 24.33
N VAL A 416 8.44 0.76 23.06
CA VAL A 416 9.15 -0.33 22.39
C VAL A 416 10.63 0.02 22.21
N GLU A 417 10.91 1.25 21.78
CA GLU A 417 12.31 1.68 21.65
C GLU A 417 13.05 1.50 22.97
N ASP A 418 12.40 1.82 24.09
CA ASP A 418 13.04 1.62 25.38
CA ASP A 418 13.01 1.61 25.40
C ASP A 418 13.32 0.14 25.64
N VAL A 419 12.37 -0.74 25.34
CA VAL A 419 12.57 -2.17 25.53
C VAL A 419 13.70 -2.67 24.62
N LEU A 420 13.76 -2.18 23.39
CA LEU A 420 14.76 -2.67 22.45
C LEU A 420 16.10 -1.96 22.59
N GLY A 421 16.21 -0.98 23.50
CA GLY A 421 17.43 -0.22 23.59
C GLY A 421 17.72 0.62 22.37
N LEU A 422 16.71 0.99 21.63
CA LEU A 422 16.89 1.85 20.48
C LEU A 422 16.83 3.32 20.90
N PRO A 423 17.56 4.17 20.18
CA PRO A 423 17.37 5.62 20.36
C PRO A 423 15.90 5.98 20.18
N GLN A 424 15.45 6.96 20.95
CA GLN A 424 14.10 7.46 20.81
C GLN A 424 13.91 8.02 19.40
N ASN A 425 12.70 7.82 18.85
CA ASN A 425 12.30 8.25 17.51
C ASN A 425 13.00 7.47 16.40
N THR A 426 13.61 6.31 16.72
CA THR A 426 14.09 5.42 15.67
C THR A 426 12.92 4.89 14.84
N MET A 427 11.81 4.58 15.49
CA MET A 427 10.63 3.99 14.84
C MET A 427 9.78 5.10 14.25
N LYS A 428 9.80 5.23 12.92
CA LYS A 428 9.06 6.27 12.21
C LYS A 428 7.69 5.74 11.84
N ILE A 429 6.77 6.67 11.58
CA ILE A 429 5.39 6.31 11.30
CA ILE A 429 5.37 6.33 11.31
C ILE A 429 4.99 6.83 9.92
N GLY A 430 4.49 5.92 9.09
CA GLY A 430 3.81 6.33 7.89
C GLY A 430 2.33 6.39 8.25
N ILE A 431 1.75 7.58 8.28
CA ILE A 431 0.37 7.76 8.74
C ILE A 431 -0.59 7.49 7.58
N MET A 432 -1.43 6.47 7.71
CA MET A 432 -2.53 6.31 6.77
C MET A 432 -3.62 7.31 7.14
N ASP A 433 -4.01 8.14 6.18
CA ASP A 433 -5.19 8.98 6.28
C ASP A 433 -6.29 8.19 5.56
N GLU A 434 -6.97 7.32 6.32
CA GLU A 434 -7.94 6.40 5.74
C GLU A 434 -9.14 6.19 6.66
N GLU A 435 -9.37 7.13 7.58
CA GLU A 435 -10.52 7.16 8.47
C GLU A 435 -10.98 8.61 8.61
N ARG A 436 -12.29 8.82 8.63
CA ARG A 436 -12.84 10.17 8.52
C ARG A 436 -12.40 11.06 9.68
N ARG A 437 -12.34 10.52 10.89
CA ARG A 437 -11.95 11.35 12.02
C ARG A 437 -10.46 11.72 11.96
N THR A 438 -9.67 11.01 11.17
CA THR A 438 -8.31 11.48 10.93
C THR A 438 -8.30 12.54 9.83
N THR A 439 -9.07 12.32 8.76
CA THR A 439 -9.20 13.31 7.69
C THR A 439 -9.54 14.70 8.23
N VAL A 440 -10.56 14.81 9.08
CA VAL A 440 -11.03 16.14 9.47
C VAL A 440 -10.18 16.73 10.59
N ASN A 441 -9.23 15.97 11.14
CA ASN A 441 -8.27 16.45 12.12
C ASN A 441 -6.84 16.21 11.66
N LEU A 442 -6.63 16.22 10.34
CA LEU A 442 -5.37 15.71 9.79
C LEU A 442 -4.18 16.50 10.30
N LYS A 443 -4.30 17.84 10.34
CA LYS A 443 -3.21 18.67 10.80
C LYS A 443 -2.82 18.30 12.23
N ALA A 444 -3.80 18.13 13.11
CA ALA A 444 -3.50 17.71 14.49
C ALA A 444 -2.90 16.31 14.54
N CYS A 445 -3.29 15.44 13.61
CA CYS A 445 -2.72 14.09 13.56
C CYS A 445 -1.24 14.13 13.17
N ILE A 446 -0.88 14.96 12.19
CA ILE A 446 0.52 15.13 11.82
C ILE A 446 1.30 15.75 12.97
N LYS A 447 0.71 16.75 13.64
CA LYS A 447 1.39 17.39 14.75
C LYS A 447 1.64 16.41 15.89
N ALA A 448 0.68 15.53 16.15
CA ALA A 448 0.89 14.52 17.17
C ALA A 448 2.10 13.64 16.87
N ALA A 449 2.50 13.53 15.60
CA ALA A 449 3.64 12.71 15.22
C ALA A 449 4.72 13.53 14.55
N ALA A 450 4.86 14.81 14.93
CA ALA A 450 5.68 15.72 14.15
C ALA A 450 7.15 15.30 14.11
N ASP A 451 7.62 14.58 15.12
CA ASP A 451 9.01 14.14 15.13
C ASP A 451 9.17 12.68 14.69
N ARG A 452 8.09 12.01 14.26
CA ARG A 452 8.19 10.63 13.78
C ARG A 452 7.63 10.41 12.38
N VAL A 453 6.85 11.34 11.83
CA VAL A 453 6.10 11.03 10.63
C VAL A 453 7.04 11.03 9.42
N VAL A 454 6.94 9.98 8.61
CA VAL A 454 7.63 9.92 7.34
C VAL A 454 6.68 9.89 6.14
N PHE A 455 5.38 9.63 6.34
CA PHE A 455 4.43 9.96 5.28
C PHE A 455 3.03 10.11 5.83
N ILE A 456 2.20 10.75 4.99
CA ILE A 456 0.74 10.62 5.04
C ILE A 456 0.34 10.02 3.71
N ASN A 457 -0.70 9.19 3.72
CA ASN A 457 -1.15 8.53 2.50
C ASN A 457 -2.66 8.40 2.56
N THR A 458 -3.34 8.76 1.46
CA THR A 458 -4.80 8.65 1.40
C THR A 458 -5.15 7.20 1.10
N GLY A 459 -5.41 6.40 2.13
CA GLY A 459 -5.90 5.05 1.88
C GLY A 459 -7.37 5.13 1.51
N PHE A 460 -7.65 5.43 0.24
CA PHE A 460 -9.01 5.83 -0.15
C PHE A 460 -10.02 4.71 -0.02
N LEU A 461 -9.59 3.45 -0.05
CA LEU A 461 -10.55 2.36 0.07
C LEU A 461 -11.08 2.28 1.50
N ASP A 462 -10.19 2.21 2.49
CA ASP A 462 -10.64 2.20 3.88
C ASP A 462 -11.44 3.45 4.18
N ARG A 463 -11.00 4.59 3.63
CA ARG A 463 -11.66 5.86 3.91
C ARG A 463 -13.09 5.84 3.38
N THR A 464 -13.33 5.15 2.26
CA THR A 464 -14.70 4.98 1.74
C THR A 464 -15.52 4.06 2.66
N GLY A 465 -14.90 2.99 3.16
CA GLY A 465 -15.58 2.15 4.14
C GLY A 465 -16.01 2.94 5.36
N ASP A 466 -15.09 3.73 5.92
CA ASP A 466 -15.44 4.52 7.08
C ASP A 466 -16.50 5.57 6.77
N GLU A 467 -16.44 6.17 5.57
CA GLU A 467 -17.45 7.13 5.14
C GLU A 467 -18.85 6.52 5.22
N ILE A 468 -19.00 5.33 4.65
CA ILE A 468 -20.28 4.65 4.67
C ILE A 468 -20.71 4.34 6.10
N HIS A 469 -19.82 3.72 6.88
CA HIS A 469 -20.24 3.32 8.22
C HIS A 469 -20.57 4.52 9.08
N THR A 470 -19.78 5.59 8.97
CA THR A 470 -19.98 6.74 9.84
C THR A 470 -21.37 7.35 9.67
N SER A 471 -21.83 7.48 8.42
CA SER A 471 -23.12 8.05 8.10
C SER A 471 -24.16 6.99 7.77
N MET A 472 -23.95 5.76 8.27
CA MET A 472 -24.82 4.64 7.97
C MET A 472 -26.29 4.99 8.18
N GLU A 473 -26.61 5.74 9.24
CA GLU A 473 -27.97 6.08 9.58
C GLU A 473 -28.53 7.26 8.78
N ALA A 474 -27.71 7.97 7.99
CA ALA A 474 -28.18 9.18 7.31
C ALA A 474 -29.09 8.86 6.14
N GLY A 475 -28.79 7.81 5.39
CA GLY A 475 -29.61 7.40 4.28
C GLY A 475 -28.85 6.46 3.36
N PRO A 476 -29.46 6.09 2.24
CA PRO A 476 -28.75 5.24 1.27
C PRO A 476 -27.64 6.00 0.58
N MET A 477 -26.50 5.33 0.41
CA MET A 477 -25.31 5.91 -0.20
C MET A 477 -25.28 5.63 -1.70
N VAL A 478 -24.46 6.40 -2.42
CA VAL A 478 -24.29 6.18 -3.85
C VAL A 478 -23.63 4.83 -4.08
N ARG A 479 -23.68 4.38 -5.34
CA ARG A 479 -23.06 3.12 -5.70
CA ARG A 479 -23.06 3.12 -5.69
C ARG A 479 -21.56 3.16 -5.44
N LYS A 480 -20.97 1.97 -5.29
CA LYS A 480 -19.56 1.83 -4.96
C LYS A 480 -18.66 2.49 -6.00
N GLY A 481 -18.96 2.30 -7.29
CA GLY A 481 -18.18 2.94 -8.33
C GLY A 481 -18.30 4.46 -8.31
N THR A 482 -19.48 4.97 -7.95
CA THR A 482 -19.68 6.41 -7.84
C THR A 482 -18.81 7.04 -6.76
N MET A 483 -18.41 6.25 -5.75
CA MET A 483 -17.72 6.82 -4.60
C MET A 483 -16.42 7.50 -4.99
N LYS A 484 -15.70 6.96 -5.98
CA LYS A 484 -14.38 7.51 -6.28
CA LYS A 484 -14.38 7.49 -6.33
C LYS A 484 -14.45 8.93 -6.85
N SER A 485 -15.62 9.40 -7.26
CA SER A 485 -15.74 10.75 -7.82
C SER A 485 -16.61 11.66 -6.97
N GLN A 486 -16.96 11.24 -5.76
CA GLN A 486 -17.85 12.02 -4.92
C GLN A 486 -17.12 13.24 -4.37
N PRO A 487 -17.85 14.30 -4.07
CA PRO A 487 -17.21 15.49 -3.50
C PRO A 487 -16.38 15.22 -2.24
N TRP A 488 -16.86 14.39 -1.32
CA TRP A 488 -16.11 14.18 -0.09
C TRP A 488 -14.70 13.64 -0.38
N ILE A 489 -14.58 12.74 -1.36
CA ILE A 489 -13.30 12.08 -1.58
C ILE A 489 -12.33 12.99 -2.31
N LEU A 490 -12.82 13.82 -3.23
CA LEU A 490 -11.91 14.72 -3.94
C LEU A 490 -11.39 15.78 -3.00
N ALA A 491 -12.22 16.26 -2.07
CA ALA A 491 -11.75 17.20 -1.06
C ALA A 491 -10.77 16.52 -0.12
N TYR A 492 -11.07 15.28 0.28
CA TYR A 492 -10.17 14.49 1.12
C TYR A 492 -8.79 14.34 0.47
N GLU A 493 -8.74 14.06 -0.82
CA GLU A 493 -7.46 13.92 -1.54
C GLU A 493 -6.67 15.24 -1.55
N ASP A 494 -7.33 16.35 -1.89
CA ASP A 494 -6.64 17.64 -1.91
C ASP A 494 -6.26 18.10 -0.51
N HIS A 495 -7.16 17.92 0.45
CA HIS A 495 -6.89 18.33 1.83
C HIS A 495 -5.67 17.61 2.39
N ASN A 496 -5.49 16.33 2.03
CA ASN A 496 -4.31 15.60 2.48
C ASN A 496 -3.03 16.24 1.96
N VAL A 497 -2.98 16.54 0.66
CA VAL A 497 -1.79 17.18 0.09
C VAL A 497 -1.54 18.54 0.74
N ASP A 498 -2.62 19.34 0.89
CA ASP A 498 -2.50 20.67 1.49
C ASP A 498 -1.87 20.58 2.88
N ALA A 499 -2.39 19.68 3.73
CA ALA A 499 -1.88 19.54 5.09
C ALA A 499 -0.41 19.11 5.08
N GLY A 500 -0.06 18.14 4.24
CA GLY A 500 1.32 17.69 4.21
C GLY A 500 2.26 18.81 3.80
N LEU A 501 1.94 19.50 2.72
CA LEU A 501 2.81 20.57 2.23
C LEU A 501 2.90 21.69 3.25
N ALA A 502 1.80 22.02 3.93
CA ALA A 502 1.83 23.06 4.95
C ALA A 502 2.63 22.65 6.19
N ALA A 503 2.74 21.35 6.46
CA ALA A 503 3.57 20.89 7.56
C ALA A 503 5.02 20.69 7.15
N GLY A 504 5.39 21.12 5.93
CA GLY A 504 6.77 21.04 5.50
C GLY A 504 7.20 19.71 4.92
N PHE A 505 6.27 18.92 4.39
CA PHE A 505 6.64 17.57 3.93
C PHE A 505 7.61 17.61 2.76
N SER A 506 7.54 18.63 1.91
CA SER A 506 8.41 18.72 0.74
C SER A 506 9.88 18.65 1.17
N GLY A 507 10.58 17.63 0.67
CA GLY A 507 11.96 17.44 1.04
C GLY A 507 12.17 16.77 2.38
N ARG A 508 11.11 16.40 3.08
CA ARG A 508 11.19 15.82 4.42
C ARG A 508 10.42 14.51 4.56
N ALA A 509 9.29 14.36 3.89
CA ALA A 509 8.40 13.22 4.13
C ALA A 509 7.52 13.02 2.90
N GLN A 510 7.07 11.79 2.69
CA GLN A 510 6.27 11.48 1.50
C GLN A 510 4.86 12.01 1.64
N VAL A 511 4.29 12.50 0.53
CA VAL A 511 2.86 12.73 0.39
C VAL A 511 2.37 11.67 -0.59
N GLY A 512 1.59 10.72 -0.10
CA GLY A 512 1.24 9.53 -0.86
C GLY A 512 -0.23 9.39 -1.12
N LYS A 513 -0.56 8.71 -2.22
CA LYS A 513 -1.94 8.44 -2.62
C LYS A 513 -2.09 6.95 -2.92
N GLY A 514 -3.31 6.55 -3.29
CA GLY A 514 -3.78 5.20 -3.10
C GLY A 514 -3.49 4.23 -4.23
N MET A 515 -4.03 3.03 -4.08
CA MET A 515 -3.66 1.87 -4.87
C MET A 515 -4.44 1.80 -6.18
N TRP A 516 -3.76 1.43 -7.25
CA TRP A 516 -4.41 1.03 -8.49
C TRP A 516 -4.72 -0.46 -8.39
N THR A 517 -6.00 -0.82 -8.47
CA THR A 517 -6.42 -2.19 -8.22
C THR A 517 -6.75 -2.98 -9.49
N MET A 518 -6.82 -2.34 -10.65
CA MET A 518 -7.20 -3.04 -11.89
C MET A 518 -5.93 -3.55 -12.57
N THR A 519 -5.49 -4.73 -12.10
CA THR A 519 -4.12 -5.19 -12.32
C THR A 519 -3.84 -5.54 -13.77
N GLU A 520 -4.87 -5.75 -14.58
CA GLU A 520 -4.66 -6.02 -15.99
C GLU A 520 -4.96 -4.82 -16.88
N LEU A 521 -5.53 -3.74 -16.34
CA LEU A 521 -5.80 -2.56 -17.14
C LEU A 521 -4.65 -1.57 -16.98
N MET A 522 -3.52 -1.94 -17.57
CA MET A 522 -2.31 -1.16 -17.43
C MET A 522 -2.29 0.06 -18.37
N ALA A 523 -2.86 -0.05 -19.58
CA ALA A 523 -3.02 1.12 -20.42
C ALA A 523 -3.87 2.16 -19.71
N ASP A 524 -4.93 1.73 -19.02
CA ASP A 524 -5.72 2.68 -18.26
C ASP A 524 -4.90 3.28 -17.10
N MET A 525 -4.08 2.47 -16.44
CA MET A 525 -3.26 3.01 -15.36
C MET A 525 -2.30 4.06 -15.88
N VAL A 526 -1.60 3.76 -16.98
CA VAL A 526 -0.65 4.72 -17.52
C VAL A 526 -1.37 5.99 -17.95
N GLU A 527 -2.60 5.87 -18.44
CA GLU A 527 -3.31 7.08 -18.87
C GLU A 527 -3.84 7.89 -17.71
N THR A 528 -4.31 7.25 -16.65
CA THR A 528 -5.05 7.97 -15.62
CA THR A 528 -5.09 7.88 -15.58
C THR A 528 -4.30 8.18 -14.32
N LYS A 529 -3.43 7.25 -13.89
CA LYS A 529 -2.77 7.38 -12.59
C LYS A 529 -1.77 8.53 -12.55
N ILE A 530 -1.47 9.15 -13.70
CA ILE A 530 -0.64 10.36 -13.74
C ILE A 530 -1.27 11.50 -12.94
N ALA A 531 -2.60 11.42 -12.71
CA ALA A 531 -3.29 12.41 -11.89
C ALA A 531 -2.67 12.57 -10.50
N GLN A 532 -2.09 11.49 -9.95
CA GLN A 532 -1.62 11.54 -8.57
C GLN A 532 -0.35 12.37 -8.42
N PRO A 533 0.74 12.14 -9.17
CA PRO A 533 1.86 13.10 -9.08
C PRO A 533 1.47 14.48 -9.57
N ARG A 534 0.54 14.60 -10.52
CA ARG A 534 0.07 15.90 -10.95
C ARG A 534 -0.59 16.65 -9.80
N ALA A 535 -1.18 15.92 -8.85
CA ALA A 535 -1.76 16.49 -7.65
C ALA A 535 -0.71 16.74 -6.57
N GLY A 536 0.56 16.54 -6.85
CA GLY A 536 1.60 16.81 -5.88
C GLY A 536 1.98 15.65 -4.97
N ALA A 537 1.50 14.45 -5.26
CA ALA A 537 1.88 13.31 -4.44
C ALA A 537 3.30 12.86 -4.83
N SER A 538 4.18 12.72 -3.84
CA SER A 538 5.52 12.26 -4.17
C SER A 538 5.61 10.74 -4.24
N THR A 539 4.54 10.03 -3.91
CA THR A 539 4.48 8.59 -4.12
C THR A 539 3.03 8.17 -4.23
N ALA A 540 2.82 6.98 -4.79
CA ALA A 540 1.49 6.38 -4.86
C ALA A 540 1.62 4.88 -4.99
N TRP A 541 0.55 4.18 -4.62
CA TRP A 541 0.63 2.73 -4.42
C TRP A 541 0.37 1.96 -5.71
N VAL A 542 1.21 0.95 -5.93
CA VAL A 542 1.05 0.04 -7.06
C VAL A 542 0.96 -1.38 -6.50
N PRO A 543 0.33 -2.29 -7.24
CA PRO A 543 0.09 -3.66 -6.75
C PRO A 543 1.09 -4.72 -7.19
N SER A 544 2.05 -4.39 -8.05
CA SER A 544 2.95 -5.40 -8.59
C SER A 544 4.24 -4.72 -9.02
N PRO A 545 5.34 -5.47 -9.15
CA PRO A 545 6.54 -4.88 -9.76
C PRO A 545 6.30 -4.35 -11.17
N THR A 546 5.45 -5.03 -11.96
CA THR A 546 5.15 -4.55 -13.30
C THR A 546 4.51 -3.18 -13.25
N ALA A 547 3.49 -3.04 -12.40
CA ALA A 547 2.80 -1.76 -12.28
C ALA A 547 3.72 -0.66 -11.75
N ALA A 548 4.70 -1.03 -10.92
CA ALA A 548 5.64 -0.05 -10.40
C ALA A 548 6.51 0.52 -11.52
N THR A 549 6.95 -0.33 -12.44
CA THR A 549 7.74 0.13 -13.57
C THR A 549 6.94 1.06 -14.46
N LEU A 550 5.66 0.73 -14.70
CA LEU A 550 4.83 1.55 -15.57
C LEU A 550 4.44 2.87 -14.89
N HIS A 551 4.14 2.82 -13.59
CA HIS A 551 3.83 4.04 -12.85
C HIS A 551 5.04 4.95 -12.72
N ALA A 552 6.25 4.39 -12.76
CA ALA A 552 7.46 5.22 -12.77
C ALA A 552 7.46 6.18 -13.95
N LEU A 553 6.89 5.77 -15.09
CA LEU A 553 6.76 6.67 -16.24
C LEU A 553 6.17 8.02 -15.85
N HIS A 554 5.19 8.02 -14.96
CA HIS A 554 4.53 9.26 -14.58
C HIS A 554 5.45 10.23 -13.86
N TYR A 555 6.44 9.71 -13.13
CA TYR A 555 7.34 10.58 -12.37
C TYR A 555 8.43 11.14 -13.27
N HIS A 556 8.62 10.57 -14.44
CA HIS A 556 9.47 11.22 -15.43
C HIS A 556 8.71 12.32 -16.16
N GLN A 557 7.38 12.16 -16.32
CA GLN A 557 6.59 13.17 -17.02
C GLN A 557 6.26 14.35 -16.12
N VAL A 558 6.05 14.10 -14.84
CA VAL A 558 5.58 15.11 -13.90
C VAL A 558 6.75 15.46 -12.98
N ASP A 559 7.00 16.76 -12.80
CA ASP A 559 8.02 17.22 -11.87
C ASP A 559 7.34 17.45 -10.53
N VAL A 560 7.27 16.39 -9.72
CA VAL A 560 6.51 16.46 -8.47
C VAL A 560 7.03 17.58 -7.57
N ALA A 561 8.36 17.75 -7.50
CA ALA A 561 8.91 18.79 -6.64
C ALA A 561 8.41 20.18 -7.08
N ALA A 562 8.33 20.42 -8.39
CA ALA A 562 7.80 21.68 -8.90
C ALA A 562 6.30 21.79 -8.62
N VAL A 563 5.54 20.70 -8.77
CA VAL A 563 4.11 20.76 -8.48
C VAL A 563 3.89 21.17 -7.03
N GLN A 564 4.58 20.49 -6.10
CA GLN A 564 4.42 20.78 -4.67
C GLN A 564 4.76 22.24 -4.38
N GLN A 565 5.80 22.76 -5.03
CA GLN A 565 6.18 24.14 -4.80
C GLN A 565 5.07 25.09 -5.26
N GLY A 566 4.41 24.77 -6.37
CA GLY A 566 3.32 25.59 -6.86
C GLY A 566 2.05 25.49 -6.04
N LEU A 567 1.89 24.40 -5.29
CA LEU A 567 0.73 24.22 -4.42
C LEU A 567 0.92 24.86 -3.05
N ALA A 568 2.13 25.33 -2.74
CA ALA A 568 2.45 25.85 -1.42
C ALA A 568 1.48 26.94 -0.98
N GLY A 569 0.99 26.81 0.26
CA GLY A 569 0.09 27.78 0.83
C GLY A 569 -1.34 27.74 0.34
N LYS A 570 -1.69 26.81 -0.56
CA LYS A 570 -3.06 26.76 -1.05
C LYS A 570 -3.96 25.99 -0.08
N ARG A 571 -5.24 26.34 -0.08
CA ARG A 571 -6.25 25.68 0.74
CA ARG A 571 -6.26 25.72 0.75
C ARG A 571 -7.43 25.38 -0.17
N ARG A 572 -7.44 24.16 -0.71
CA ARG A 572 -8.33 23.77 -1.79
C ARG A 572 -9.52 22.94 -1.33
N ALA A 573 -9.67 22.69 -0.03
CA ALA A 573 -10.83 21.95 0.47
C ALA A 573 -11.28 22.58 1.76
N THR A 574 -12.59 22.77 1.88
CA THR A 574 -13.19 23.26 3.12
C THR A 574 -13.64 22.08 3.99
N ILE A 575 -13.86 22.37 5.27
CA ILE A 575 -14.38 21.33 6.16
C ILE A 575 -15.76 20.89 5.70
N GLU A 576 -16.57 21.82 5.18
CA GLU A 576 -17.90 21.46 4.68
C GLU A 576 -17.82 20.47 3.52
N GLN A 577 -16.88 20.69 2.60
CA GLN A 577 -16.64 19.72 1.53
C GLN A 577 -16.23 18.36 2.11
N LEU A 578 -15.28 18.36 3.05
CA LEU A 578 -14.85 17.08 3.63
C LEU A 578 -16.02 16.35 4.28
N LEU A 579 -16.97 17.08 4.85
CA LEU A 579 -18.10 16.50 5.57
C LEU A 579 -19.31 16.23 4.69
N THR A 580 -19.19 16.36 3.36
CA THR A 580 -20.33 16.17 2.47
C THR A 580 -20.61 14.67 2.29
N ILE A 581 -21.64 14.18 2.98
CA ILE A 581 -21.95 12.74 3.03
C ILE A 581 -22.43 12.28 1.66
N PRO A 582 -21.97 11.12 1.14
CA PRO A 582 -22.34 10.71 -0.22
C PRO A 582 -23.72 10.05 -0.30
N LEU A 583 -24.74 10.77 0.15
CA LEU A 583 -26.12 10.25 0.11
C LEU A 583 -26.63 10.24 -1.33
N ALA A 584 -27.27 9.13 -1.70
CA ALA A 584 -27.87 9.04 -3.03
C ALA A 584 -29.07 9.99 -3.15
N LYS A 585 -29.30 10.48 -4.37
CA LYS A 585 -30.41 11.37 -4.63
C LYS A 585 -31.69 10.56 -4.82
N GLU A 586 -32.82 11.25 -4.66
CA GLU A 586 -34.13 10.64 -4.88
C GLU A 586 -34.18 9.91 -6.21
N LEU A 587 -34.66 8.68 -6.18
CA LEU A 587 -34.90 7.86 -7.38
C LEU A 587 -33.65 7.81 -8.27
N ALA A 588 -32.54 7.38 -7.66
CA ALA A 588 -31.25 7.44 -8.33
C ALA A 588 -31.04 6.32 -9.35
N TRP A 589 -31.72 5.19 -9.20
CA TRP A 589 -31.36 3.99 -9.95
C TRP A 589 -32.58 3.27 -10.47
N ALA A 590 -32.44 2.70 -11.67
CA ALA A 590 -33.39 1.72 -12.17
C ALA A 590 -33.20 0.40 -11.44
N PRO A 591 -34.23 -0.45 -11.42
CA PRO A 591 -34.09 -1.77 -10.77
C PRO A 591 -32.94 -2.60 -11.33
N ASP A 592 -32.68 -2.52 -12.65
CA ASP A 592 -31.57 -3.26 -13.22
C ASP A 592 -30.23 -2.75 -12.74
N GLU A 593 -30.13 -1.45 -12.42
CA GLU A 593 -28.90 -0.92 -11.87
C GLU A 593 -28.71 -1.32 -10.41
N ILE A 594 -29.80 -1.43 -9.66
CA ILE A 594 -29.72 -1.91 -8.28
C ILE A 594 -29.27 -3.37 -8.26
N ARG A 595 -29.84 -4.17 -9.16
CA ARG A 595 -29.44 -5.57 -9.29
C ARG A 595 -27.95 -5.70 -9.60
N GLU A 596 -27.47 -4.90 -10.56
CA GLU A 596 -26.07 -4.98 -10.94
C GLU A 596 -25.16 -4.62 -9.77
N GLU A 597 -25.52 -3.60 -9.00
CA GLU A 597 -24.69 -3.20 -7.88
C GLU A 597 -24.66 -4.27 -6.80
N VAL A 598 -25.82 -4.88 -6.51
CA VAL A 598 -25.85 -5.96 -5.52
C VAL A 598 -25.04 -7.15 -5.99
N ASP A 599 -25.24 -7.56 -7.25
CA ASP A 599 -24.47 -8.67 -7.80
C ASP A 599 -22.98 -8.35 -7.79
N ASN A 600 -22.61 -7.15 -8.19
CA ASN A 600 -21.19 -6.79 -8.24
C ASN A 600 -20.55 -6.87 -6.86
N ASN A 601 -21.23 -6.32 -5.85
CA ASN A 601 -20.68 -6.34 -4.50
C ASN A 601 -20.62 -7.78 -3.96
N CYS A 602 -21.67 -8.58 -4.20
CA CYS A 602 -21.67 -9.95 -3.71
C CYS A 602 -20.56 -10.78 -4.35
N GLN A 603 -20.33 -10.58 -5.65
CA GLN A 603 -19.22 -11.28 -6.30
C GLN A 603 -17.88 -10.83 -5.71
N SER A 604 -17.75 -9.53 -5.46
CA SER A 604 -16.51 -9.02 -4.89
C SER A 604 -16.28 -9.59 -3.50
N ILE A 605 -17.34 -9.67 -2.70
CA ILE A 605 -17.23 -10.20 -1.34
C ILE A 605 -16.91 -11.68 -1.36
N LEU A 606 -17.67 -12.46 -2.13
CA LEU A 606 -17.51 -13.92 -2.12
C LEU A 606 -16.17 -14.35 -2.67
N GLY A 607 -15.71 -13.71 -3.74
CA GLY A 607 -14.45 -14.12 -4.32
C GLY A 607 -13.27 -13.82 -3.42
N TYR A 608 -13.37 -12.74 -2.64
CA TYR A 608 -12.31 -12.43 -1.68
C TYR A 608 -12.39 -13.36 -0.47
N VAL A 609 -13.60 -13.55 0.09
CA VAL A 609 -13.75 -14.21 1.38
C VAL A 609 -13.48 -15.70 1.28
N VAL A 610 -13.84 -16.33 0.16
CA VAL A 610 -13.65 -17.78 0.07
C VAL A 610 -12.16 -18.12 0.16
N ARG A 611 -11.30 -17.32 -0.45
CA ARG A 611 -9.88 -17.60 -0.37
C ARG A 611 -9.29 -17.14 0.96
N TRP A 612 -9.87 -16.11 1.57
CA TRP A 612 -9.49 -15.73 2.92
C TRP A 612 -9.78 -16.85 3.92
N VAL A 613 -11.01 -17.36 3.91
CA VAL A 613 -11.43 -18.30 4.95
C VAL A 613 -10.86 -19.70 4.69
N ASP A 614 -10.85 -20.15 3.43
CA ASP A 614 -10.43 -21.52 3.13
C ASP A 614 -8.92 -21.66 3.03
N GLN A 615 -8.22 -20.66 2.50
CA GLN A 615 -6.80 -20.82 2.22
C GLN A 615 -5.90 -19.80 2.91
N GLY A 616 -6.45 -18.91 3.73
CA GLY A 616 -5.60 -17.95 4.40
C GLY A 616 -4.90 -16.98 3.48
N VAL A 617 -5.53 -16.64 2.36
CA VAL A 617 -4.97 -15.70 1.39
C VAL A 617 -5.70 -14.37 1.56
N GLY A 618 -4.94 -13.33 1.92
CA GLY A 618 -5.50 -12.02 2.22
C GLY A 618 -5.53 -11.03 1.08
N ALA A 619 -5.09 -11.40 -0.11
CA ALA A 619 -5.23 -10.55 -1.28
C ALA A 619 -5.42 -11.46 -2.50
N SER A 620 -6.46 -11.20 -3.29
CA SER A 620 -6.83 -12.06 -4.42
C SER A 620 -7.33 -11.24 -5.59
N LYS A 621 -7.01 -11.69 -6.80
CA LYS A 621 -7.58 -11.11 -8.01
C LYS A 621 -8.98 -11.68 -8.20
N VAL A 622 -9.99 -10.82 -8.14
CA VAL A 622 -11.37 -11.25 -8.26
C VAL A 622 -12.01 -10.48 -9.42
N PRO A 623 -12.48 -11.16 -10.46
CA PRO A 623 -13.18 -10.46 -11.54
C PRO A 623 -14.50 -9.89 -11.05
N ASP A 624 -14.80 -8.67 -11.47
CA ASP A 624 -16.06 -8.04 -11.10
C ASP A 624 -17.15 -8.44 -12.10
N ILE A 625 -18.34 -7.83 -11.95
CA ILE A 625 -19.49 -8.19 -12.77
C ILE A 625 -19.22 -7.95 -14.25
N HIS A 626 -18.24 -7.09 -14.57
CA HIS A 626 -17.84 -6.83 -15.94
C HIS A 626 -16.56 -7.56 -16.32
N ASP A 627 -16.23 -8.60 -15.56
CA ASP A 627 -15.04 -9.43 -15.75
C ASP A 627 -13.72 -8.64 -15.74
N VAL A 628 -13.74 -7.40 -15.24
CA VAL A 628 -12.49 -6.71 -14.96
C VAL A 628 -11.85 -7.29 -13.69
N ALA A 629 -10.58 -7.67 -13.80
CA ALA A 629 -9.85 -8.24 -12.67
C ALA A 629 -9.52 -7.16 -11.64
N LEU A 630 -9.98 -7.36 -10.41
CA LEU A 630 -9.72 -6.42 -9.33
C LEU A 630 -8.88 -7.11 -8.25
N MET A 631 -7.76 -6.49 -7.90
CA MET A 631 -6.96 -6.99 -6.77
C MET A 631 -7.63 -6.52 -5.49
N GLU A 632 -8.13 -7.46 -4.70
CA GLU A 632 -8.96 -7.15 -3.54
C GLU A 632 -8.22 -7.45 -2.24
N ASP A 633 -8.40 -6.57 -1.26
CA ASP A 633 -7.88 -6.67 0.09
CA ASP A 633 -7.93 -6.91 0.09
C ASP A 633 -9.03 -6.48 1.07
N ARG A 634 -8.71 -6.36 2.36
CA ARG A 634 -9.81 -6.18 3.32
C ARG A 634 -10.54 -4.86 3.11
N ALA A 635 -9.85 -3.83 2.61
CA ALA A 635 -10.46 -2.52 2.50
C ALA A 635 -11.58 -2.51 1.47
N THR A 636 -11.34 -3.08 0.28
CA THR A 636 -12.41 -3.20 -0.72
CA THR A 636 -12.44 -3.13 -0.68
C THR A 636 -13.57 -4.03 -0.18
N LEU A 637 -13.23 -5.06 0.62
CA LEU A 637 -14.28 -5.84 1.30
C LEU A 637 -15.04 -4.97 2.29
N ARG A 638 -14.35 -4.07 2.99
CA ARG A 638 -15.04 -3.16 3.88
CA ARG A 638 -15.03 -3.16 3.89
C ARG A 638 -16.05 -2.30 3.12
N ILE A 639 -15.68 -1.84 1.92
CA ILE A 639 -16.59 -1.01 1.13
C ILE A 639 -17.84 -1.80 0.75
N SER A 640 -17.63 -2.94 0.09
CA SER A 640 -18.77 -3.71 -0.42
C SER A 640 -19.72 -4.13 0.69
N SER A 641 -19.17 -4.72 1.76
CA SER A 641 -20.02 -5.21 2.82
C SER A 641 -20.75 -4.05 3.49
N GLN A 642 -20.08 -2.91 3.65
CA GLN A 642 -20.72 -1.76 4.29
C GLN A 642 -21.80 -1.18 3.39
N LEU A 643 -21.56 -1.13 2.08
CA LEU A 643 -22.53 -0.55 1.17
C LEU A 643 -23.80 -1.40 1.10
N LEU A 644 -23.65 -2.72 0.95
CA LEU A 644 -24.82 -3.59 0.96
C LEU A 644 -25.57 -3.48 2.29
N ALA A 645 -24.83 -3.43 3.40
CA ALA A 645 -25.47 -3.22 4.70
C ALA A 645 -26.24 -1.90 4.73
N ASN A 646 -25.69 -0.86 4.09
CA ASN A 646 -26.34 0.44 4.04
C ASN A 646 -27.59 0.41 3.17
N TRP A 647 -27.54 -0.34 2.07
CA TRP A 647 -28.72 -0.46 1.22
C TRP A 647 -29.81 -1.29 1.90
N LEU A 648 -29.42 -2.36 2.57
CA LEU A 648 -30.38 -3.13 3.36
C LEU A 648 -30.96 -2.30 4.50
N ARG A 649 -30.12 -1.50 5.15
CA ARG A 649 -30.58 -0.69 6.27
C ARG A 649 -31.67 0.31 5.86
N HIS A 650 -31.65 0.76 4.61
CA HIS A 650 -32.54 1.84 4.19
C HIS A 650 -33.54 1.39 3.14
N GLY A 651 -33.73 0.08 2.98
CA GLY A 651 -34.80 -0.39 2.14
C GLY A 651 -34.54 -0.32 0.66
N VAL A 652 -33.29 -0.08 0.24
CA VAL A 652 -32.99 -0.12 -1.18
C VAL A 652 -33.17 -1.53 -1.72
N ILE A 653 -32.78 -2.53 -0.93
CA ILE A 653 -32.84 -3.94 -1.30
C ILE A 653 -33.41 -4.71 -0.12
N THR A 654 -33.84 -5.94 -0.38
CA THR A 654 -34.34 -6.81 0.69
C THR A 654 -33.30 -7.86 1.04
N SER A 655 -33.53 -8.52 2.18
CA SER A 655 -32.66 -9.63 2.55
C SER A 655 -32.76 -10.77 1.56
N ALA A 656 -33.88 -10.87 0.84
CA ALA A 656 -33.96 -11.89 -0.20
C ALA A 656 -33.08 -11.52 -1.38
N ASP A 657 -33.01 -10.24 -1.73
CA ASP A 657 -32.11 -9.82 -2.82
C ASP A 657 -30.66 -10.19 -2.49
N VAL A 658 -30.25 -9.93 -1.25
CA VAL A 658 -28.89 -10.27 -0.82
C VAL A 658 -28.65 -11.75 -0.94
N ARG A 659 -29.54 -12.56 -0.34
CA ARG A 659 -29.33 -14.00 -0.34
C ARG A 659 -29.29 -14.56 -1.75
N ALA A 660 -30.18 -14.07 -2.62
CA ALA A 660 -30.24 -14.58 -4.00
C ALA A 660 -28.99 -14.18 -4.77
N SER A 661 -28.50 -12.97 -4.53
CA SER A 661 -27.26 -12.56 -5.19
C SER A 661 -26.09 -13.42 -4.73
N LEU A 662 -25.91 -13.57 -3.42
CA LEU A 662 -24.87 -14.45 -2.88
C LEU A 662 -24.96 -15.84 -3.49
N GLU A 663 -26.16 -16.42 -3.48
CA GLU A 663 -26.32 -17.76 -4.04
C GLU A 663 -26.10 -17.78 -5.55
N ARG A 664 -26.42 -16.67 -6.24
CA ARG A 664 -26.20 -16.58 -7.67
C ARG A 664 -24.72 -16.46 -8.00
N MET A 665 -23.99 -15.63 -7.25
CA MET A 665 -22.60 -15.37 -7.58
C MET A 665 -21.67 -16.48 -7.12
N ALA A 666 -22.08 -17.27 -6.10
CA ALA A 666 -21.20 -18.29 -5.54
C ALA A 666 -20.76 -19.36 -6.54
N PRO A 667 -21.64 -19.96 -7.34
CA PRO A 667 -21.15 -20.96 -8.30
C PRO A 667 -20.20 -20.37 -9.31
N LEU A 668 -20.35 -19.08 -9.64
CA LEU A 668 -19.41 -18.45 -10.56
C LEU A 668 -18.05 -18.29 -9.90
N VAL A 669 -18.03 -17.96 -8.61
CA VAL A 669 -16.76 -17.92 -7.88
C VAL A 669 -16.18 -19.32 -7.78
N ASP A 670 -17.01 -20.33 -7.50
CA ASP A 670 -16.54 -21.70 -7.52
C ASP A 670 -15.91 -22.04 -8.87
N ARG A 671 -16.51 -21.54 -9.96
CA ARG A 671 -15.94 -21.79 -11.27
C ARG A 671 -14.58 -21.13 -11.41
N GLN A 672 -14.47 -19.88 -10.97
CA GLN A 672 -13.22 -19.11 -11.09
C GLN A 672 -12.08 -19.70 -10.27
N ASN A 673 -12.33 -20.76 -9.50
CA ASN A 673 -11.29 -21.37 -8.66
C ASN A 673 -11.15 -22.88 -8.89
N VAL A 677 -5.88 -24.32 -6.58
CA VAL A 677 -7.13 -25.06 -6.54
C VAL A 677 -7.03 -26.24 -5.56
N ALA A 678 -6.59 -25.92 -4.35
CA ALA A 678 -6.96 -26.66 -3.14
C ALA A 678 -8.21 -26.01 -2.55
N TYR A 679 -9.27 -26.02 -3.35
CA TYR A 679 -10.40 -25.11 -3.22
C TYR A 679 -11.66 -25.88 -2.82
N ARG A 680 -12.33 -25.43 -1.77
CA ARG A 680 -13.59 -26.01 -1.33
C ARG A 680 -14.74 -25.26 -1.99
N PRO A 681 -15.52 -25.88 -2.86
CA PRO A 681 -16.65 -25.16 -3.48
C PRO A 681 -17.68 -24.78 -2.42
N MET A 682 -18.34 -23.65 -2.63
CA MET A 682 -19.39 -23.19 -1.73
C MET A 682 -20.76 -23.75 -2.09
N ALA A 683 -21.09 -23.76 -3.37
CA ALA A 683 -22.30 -24.39 -3.88
C ALA A 683 -22.13 -25.92 -3.94
N PRO A 684 -23.22 -26.68 -3.78
CA PRO A 684 -24.62 -26.26 -3.67
C PRO A 684 -25.11 -26.05 -2.24
N ASN A 685 -24.36 -26.49 -1.23
CA ASN A 685 -24.85 -26.43 0.14
C ASN A 685 -24.17 -25.25 0.84
N PHE A 686 -24.64 -24.06 0.46
CA PHE A 686 -24.07 -22.81 0.95
C PHE A 686 -23.97 -22.79 2.46
N ASP A 687 -25.07 -23.13 3.15
CA ASP A 687 -25.04 -22.98 4.60
C ASP A 687 -24.19 -24.04 5.29
N ASP A 688 -23.53 -24.92 4.53
CA ASP A 688 -22.49 -25.78 5.06
C ASP A 688 -21.09 -25.23 4.80
N SER A 689 -20.98 -24.13 4.06
CA SER A 689 -19.69 -23.53 3.74
C SER A 689 -19.37 -22.42 4.72
N ILE A 690 -18.31 -22.61 5.51
CA ILE A 690 -17.90 -21.57 6.45
C ILE A 690 -17.63 -20.27 5.69
N ALA A 691 -17.01 -20.36 4.52
CA ALA A 691 -16.71 -19.18 3.71
C ALA A 691 -17.98 -18.49 3.23
N PHE A 692 -18.96 -19.26 2.75
CA PHE A 692 -20.21 -18.63 2.35
C PHE A 692 -20.88 -17.94 3.54
N LEU A 693 -20.92 -18.61 4.69
CA LEU A 693 -21.54 -18.02 5.88
C LEU A 693 -20.81 -16.76 6.32
N ALA A 694 -19.49 -16.74 6.17
CA ALA A 694 -18.71 -15.53 6.47
C ALA A 694 -19.15 -14.38 5.58
N ALA A 695 -19.26 -14.63 4.28
CA ALA A 695 -19.70 -13.61 3.34
C ALA A 695 -21.07 -13.08 3.74
N GLN A 696 -21.98 -13.99 4.09
CA GLN A 696 -23.32 -13.57 4.50
C GLN A 696 -23.25 -12.71 5.77
N GLU A 697 -22.47 -13.17 6.75
CA GLU A 697 -22.37 -12.45 8.02
C GLU A 697 -21.75 -11.08 7.84
N LEU A 698 -20.76 -10.95 6.96
CA LEU A 698 -20.15 -9.63 6.72
C LEU A 698 -21.19 -8.63 6.25
N ILE A 699 -22.19 -9.07 5.49
CA ILE A 699 -23.25 -8.16 5.05
C ILE A 699 -24.30 -7.98 6.14
N LEU A 700 -24.84 -9.09 6.65
CA LEU A 700 -25.99 -8.98 7.53
C LEU A 700 -25.65 -8.37 8.87
N SER A 701 -24.40 -8.51 9.31
CA SER A 701 -23.93 -7.88 10.54
C SER A 701 -23.11 -6.63 10.29
N GLY A 702 -22.92 -6.23 9.03
CA GLY A 702 -22.05 -5.11 8.72
C GLY A 702 -22.38 -3.85 9.51
N ALA A 703 -23.67 -3.54 9.64
CA ALA A 703 -24.03 -2.32 10.35
C ALA A 703 -23.55 -2.35 11.80
N GLN A 704 -23.37 -3.55 12.37
CA GLN A 704 -22.99 -3.70 13.77
C GLN A 704 -21.48 -3.83 13.97
N GLN A 705 -20.68 -3.91 12.90
CA GLN A 705 -19.23 -4.05 13.13
C GLN A 705 -18.61 -2.70 13.47
N PRO A 706 -17.64 -2.66 14.38
CA PRO A 706 -17.03 -1.38 14.78
C PRO A 706 -16.41 -0.71 13.56
N ASN A 707 -16.93 0.47 13.23
CA ASN A 707 -16.49 1.26 12.09
C ASN A 707 -16.48 0.44 10.81
N GLY A 708 -17.36 -0.56 10.76
CA GLY A 708 -17.47 -1.43 9.59
C GLY A 708 -16.31 -2.36 9.33
N TYR A 709 -15.46 -2.61 10.34
CA TYR A 709 -14.26 -3.41 10.12
C TYR A 709 -14.59 -4.87 9.87
N THR A 710 -13.85 -5.48 8.95
CA THR A 710 -14.14 -6.85 8.54
C THR A 710 -13.38 -7.89 9.35
N GLU A 711 -12.29 -7.49 10.01
CA GLU A 711 -11.41 -8.46 10.66
C GLU A 711 -12.14 -9.32 11.69
N PRO A 712 -12.96 -8.77 12.60
CA PRO A 712 -13.59 -9.64 13.61
C PRO A 712 -14.27 -10.85 13.00
N ILE A 713 -15.09 -10.65 11.96
CA ILE A 713 -15.78 -11.78 11.34
C ILE A 713 -14.81 -12.66 10.55
N LEU A 714 -13.92 -12.06 9.77
CA LEU A 714 -12.98 -12.85 9.00
C LEU A 714 -12.12 -13.72 9.92
N HIS A 715 -11.67 -13.15 11.04
CA HIS A 715 -10.77 -13.88 11.93
C HIS A 715 -11.48 -15.08 12.55
N ARG A 716 -12.64 -14.84 13.15
CA ARG A 716 -13.46 -15.92 13.72
C ARG A 716 -13.73 -17.02 12.69
N ARG A 717 -14.13 -16.65 11.47
CA ARG A 717 -14.52 -17.66 10.48
C ARG A 717 -13.31 -18.44 9.98
N ARG A 718 -12.17 -17.76 9.81
CA ARG A 718 -10.96 -18.47 9.40
C ARG A 718 -10.51 -19.44 10.49
N ARG A 719 -10.59 -19.03 11.75
CA ARG A 719 -10.23 -19.95 12.84
CA ARG A 719 -10.23 -19.96 12.83
C ARG A 719 -11.20 -21.14 12.89
N GLU A 720 -12.49 -20.87 12.73
CA GLU A 720 -13.48 -21.94 12.64
C GLU A 720 -13.13 -22.92 11.53
N PHE A 721 -12.72 -22.42 10.36
CA PHE A 721 -12.33 -23.30 9.27
C PHE A 721 -11.09 -24.12 9.62
N LYS A 722 -10.06 -23.46 10.15
CA LYS A 722 -8.86 -24.17 10.59
C LYS A 722 -9.20 -25.26 11.61
N ALA A 723 -10.13 -24.97 12.53
CA ALA A 723 -10.48 -25.96 13.54
C ALA A 723 -11.22 -27.14 12.92
N ARG A 724 -12.21 -26.86 12.06
CA ARG A 724 -12.91 -27.93 11.37
C ARG A 724 -11.94 -28.76 10.52
N ALA A 725 -10.94 -28.13 9.92
CA ALA A 725 -9.98 -28.85 9.09
C ALA A 725 -9.10 -29.78 9.91
N ALA A 726 -8.93 -29.51 11.21
CA ALA A 726 -8.10 -30.33 12.08
C ALA A 726 -8.88 -31.45 12.76
N GLU A 727 -9.92 -31.96 12.13
CA GLU A 727 -10.68 -33.10 12.67
C GLU A 727 -11.50 -33.81 11.59
#